data_4FLW
#
_entry.id   4FLW
#
_cell.length_a   69.029
_cell.length_b   114.492
_cell.length_c   127.796
_cell.angle_alpha   90.00
_cell.angle_beta   90.00
_cell.angle_gamma   90.00
#
_symmetry.space_group_name_H-M   'P 21 21 21'
#
loop_
_entity.id
_entity.type
_entity.pdbx_description
1 polymer 'DNA polymerase 1'
2 polymer 'Primer strand'
3 polymer 'Template strand'
4 non-polymer 'MAGNESIUM ION'
5 non-polymer '2-(N-MORPHOLINO)-ETHANESULFONIC ACID'
6 non-polymer GLYCEROL
7 water water
#
loop_
_entity_poly.entity_id
_entity_poly.type
_entity_poly.pdbx_seq_one_letter_code
_entity_poly.pdbx_strand_id
1 'polypeptide(L)'
;MGSSHHHHHHSSGLVPAGSHAGMIIDADYITEDGKPIIRIFKKEKGEFKVEYDRTFRPYIYALLKDDSAIDEVKKITAER
HGKIVRITEVEKVQKKFLGRPIEVWKLYLEHPQDVPAIREKIREHPAVVDIFEYDIPFAKRYLIDKGLTPMEGNEELTFL
AVDIETLYHEGEEFGKGPIIMISYADEEGAKVITWKSIDLPYVEVVSSEREMIKRLVKVIREKDPDVIITYNGDNFAFPY
LLKRAEKLGIKLPLGRDNSEPKMQRMGDSLAVEIKGRIHFDLFPVIRRTINLPTYTLEAVYEAIFGKSKEKVYAHEIAEA
WETGKGLERVAKYSMEDAKVTFELGKEFFPMEAQLARLVGQPVWDVSRSSTGNLVEWFLLRKAYERNELAPNKPDEREYE
RRLRESYEGGYVKEPEKGLWEGIVSLDFRSLYPSIIITHNVSPDTLNRENCKEYDVAPQVGHRFCKDFPGFIPSLLGNLL
EERQKIKKRMKESKDPVEKKLLDYRQRAIKILANSYYGYYGYAKARWYCKECAESVTAWGRQYIDLVRRELESRGFKVLY
IDTDGLYATIPGAKHEEIKEKALKFVEYINSKLPGLLELEYEGFYARGFFVTKKKYALIDEEGKIVTRGLEIVRRDWSEI
AKETQAKVLEAILKHGNVDEAVKIVKEVTEKLSKYEIPPEKLVIYEQITRPLSEYKAIGPHVAVAKRLAAKGVKVKPGMV
IGYIVLRGDGPISKRAIAIEEFDPKKHKYDAEYYIENQVLPAVERILRAFGYRKEDLKYQKTKQVGLGAWLKF
;
A
2 'polydeoxyribonucleotide' (DC)(DG)(DA)(DT)(DC)(DA)(DC)(DG)(DG)(DG)(DG) P
3 'polydeoxyribonucleotide' (DG)(DT)(DG)(DT)(DA)(DC)(DG)(DT)(DG)(DA)(DT)(DC)(DG) T
#
# COMPACT_ATOMS: atom_id res chain seq x y z
N HIS A 20 18.53 -27.19 -2.59
CA HIS A 20 18.06 -28.34 -1.84
C HIS A 20 16.54 -28.48 -1.66
N ALA A 21 16.14 -28.96 -0.48
CA ALA A 21 14.77 -29.37 -0.20
C ALA A 21 13.83 -28.37 0.48
N GLY A 22 14.40 -27.42 1.18
CA GLY A 22 13.65 -26.44 1.97
C GLY A 22 12.86 -25.38 1.19
N MET A 23 12.00 -24.67 1.94
CA MET A 23 11.19 -23.56 1.48
C MET A 23 12.01 -22.28 1.66
N ILE A 24 12.19 -21.48 0.61
CA ILE A 24 12.94 -20.21 0.72
C ILE A 24 11.99 -19.16 1.32
N ILE A 25 12.39 -18.51 2.43
CA ILE A 25 11.57 -17.49 3.09
C ILE A 25 12.18 -16.09 2.87
N ASP A 26 13.48 -16.01 2.54
CA ASP A 26 14.12 -14.73 2.27
C ASP A 26 15.51 -14.91 1.67
N ALA A 27 16.03 -13.80 1.15
CA ALA A 27 17.36 -13.71 0.60
C ALA A 27 17.89 -12.29 0.80
N ASP A 28 19.21 -12.19 1.02
CA ASP A 28 19.91 -10.92 1.16
C ASP A 28 21.36 -11.15 0.81
N TYR A 29 22.22 -10.16 1.04
CA TYR A 29 23.65 -10.36 0.89
C TYR A 29 24.36 -9.64 2.01
N ILE A 30 25.55 -10.15 2.32
CA ILE A 30 26.51 -9.65 3.26
C ILE A 30 27.79 -9.44 2.47
N THR A 31 28.73 -8.67 3.02
CA THR A 31 30.02 -8.42 2.41
C THR A 31 31.03 -9.05 3.35
N GLU A 32 31.95 -9.85 2.79
CA GLU A 32 33.00 -10.50 3.59
C GLU A 32 34.30 -10.32 2.86
N ASP A 33 35.26 -9.64 3.50
CA ASP A 33 36.56 -9.28 2.93
C ASP A 33 36.35 -8.48 1.62
N GLY A 34 35.38 -7.55 1.65
CA GLY A 34 35.00 -6.69 0.54
C GLY A 34 34.20 -7.33 -0.58
N LYS A 35 33.93 -8.63 -0.49
CA LYS A 35 33.22 -9.33 -1.56
C LYS A 35 31.81 -9.72 -1.15
N PRO A 36 30.83 -9.66 -2.09
CA PRO A 36 29.44 -10.01 -1.71
C PRO A 36 29.21 -11.51 -1.56
N ILE A 37 28.38 -11.87 -0.58
CA ILE A 37 27.94 -13.23 -0.36
C ILE A 37 26.45 -13.21 -0.25
N ILE A 38 25.81 -13.95 -1.12
CA ILE A 38 24.37 -14.12 -1.06
C ILE A 38 24.04 -15.10 0.09
N ARG A 39 22.96 -14.82 0.85
CA ARG A 39 22.40 -15.72 1.89
C ARG A 39 20.96 -16.04 1.49
N ILE A 40 20.64 -17.33 1.44
CA ILE A 40 19.29 -17.84 1.16
C ILE A 40 18.79 -18.45 2.45
N PHE A 41 17.75 -17.83 3.01
CA PHE A 41 17.15 -18.26 4.27
C PHE A 41 16.07 -19.28 3.98
N LYS A 42 16.21 -20.46 4.59
CA LYS A 42 15.34 -21.59 4.33
C LYS A 42 14.78 -22.26 5.57
N LYS A 43 13.63 -22.92 5.41
CA LYS A 43 13.01 -23.73 6.43
C LYS A 43 12.88 -25.15 5.86
N GLU A 44 13.61 -26.10 6.47
CA GLU A 44 13.64 -27.49 5.99
C GLU A 44 13.17 -28.41 7.12
N LYS A 45 11.97 -28.99 6.95
CA LYS A 45 11.29 -29.89 7.90
C LYS A 45 11.39 -29.31 9.35
N GLY A 46 10.99 -28.05 9.49
CA GLY A 46 11.00 -27.36 10.78
C GLY A 46 12.30 -26.69 11.21
N GLU A 47 13.40 -26.94 10.48
CA GLU A 47 14.72 -26.41 10.81
C GLU A 47 15.10 -25.20 9.96
N PHE A 48 15.71 -24.23 10.61
CA PHE A 48 16.24 -23.04 9.96
C PHE A 48 17.59 -23.38 9.34
N LYS A 49 17.76 -23.01 8.08
CA LYS A 49 18.99 -23.28 7.34
C LYS A 49 19.37 -22.06 6.52
N VAL A 50 20.68 -21.79 6.40
CA VAL A 50 21.21 -20.70 5.57
C VAL A 50 22.14 -21.30 4.55
N GLU A 51 21.93 -20.95 3.29
CA GLU A 51 22.83 -21.39 2.24
C GLU A 51 23.60 -20.16 1.78
N TYR A 52 24.90 -20.31 1.57
CA TYR A 52 25.74 -19.19 1.13
C TYR A 52 26.17 -19.38 -0.32
N ASP A 53 26.21 -18.29 -1.09
CA ASP A 53 26.70 -18.33 -2.46
C ASP A 53 27.59 -17.11 -2.71
N ARG A 54 28.87 -17.38 -2.92
CA ARG A 54 29.91 -16.38 -3.19
C ARG A 54 30.14 -16.15 -4.68
N THR A 55 29.54 -16.99 -5.55
CA THR A 55 29.83 -17.04 -7.00
C THR A 55 28.96 -16.17 -7.90
N PHE A 56 27.81 -15.71 -7.43
CA PHE A 56 26.93 -14.91 -8.29
C PHE A 56 27.49 -13.50 -8.50
N ARG A 57 27.63 -13.10 -9.77
CA ARG A 57 28.24 -11.82 -10.08
C ARG A 57 27.25 -10.70 -10.48
N PRO A 58 27.44 -9.50 -9.88
CA PRO A 58 26.67 -8.32 -10.33
C PRO A 58 27.01 -7.97 -11.78
N TYR A 59 26.06 -7.33 -12.48
CA TYR A 59 26.20 -6.89 -13.88
C TYR A 59 25.11 -5.90 -14.25
N ILE A 60 25.34 -5.22 -15.39
CA ILE A 60 24.47 -4.32 -16.12
C ILE A 60 24.71 -4.62 -17.60
N TYR A 61 23.91 -4.02 -18.50
CA TYR A 61 24.10 -4.15 -19.94
C TYR A 61 24.38 -2.81 -20.55
N ALA A 62 25.14 -2.77 -21.63
CA ALA A 62 25.42 -1.56 -22.39
C ALA A 62 25.24 -1.82 -23.87
N LEU A 63 24.40 -1.01 -24.51
CA LEU A 63 24.19 -1.04 -25.95
C LEU A 63 25.19 -0.05 -26.53
N LEU A 64 26.07 -0.51 -27.38
CA LEU A 64 27.13 0.34 -27.97
C LEU A 64 26.82 0.66 -29.41
N LYS A 65 27.34 1.81 -29.91
CA LYS A 65 27.13 2.22 -31.31
C LYS A 65 27.85 1.25 -32.25
N ASP A 66 28.90 0.59 -31.77
CA ASP A 66 29.74 -0.36 -32.51
C ASP A 66 30.53 -1.24 -31.56
N ASP A 67 30.83 -2.48 -31.98
CA ASP A 67 31.60 -3.48 -31.22
C ASP A 67 33.02 -3.00 -30.85
N SER A 68 33.68 -2.21 -31.72
CA SER A 68 35.02 -1.65 -31.48
C SER A 68 35.09 -0.80 -30.19
N ALA A 69 33.96 -0.17 -29.82
CA ALA A 69 33.82 0.70 -28.65
C ALA A 69 34.08 -0.02 -27.31
N ILE A 70 33.83 -1.36 -27.23
CA ILE A 70 34.01 -2.13 -25.99
C ILE A 70 35.38 -1.91 -25.36
N ASP A 71 36.41 -1.68 -26.18
CA ASP A 71 37.80 -1.47 -25.75
C ASP A 71 37.95 -0.21 -24.88
N GLU A 72 37.21 0.88 -25.18
CA GLU A 72 37.19 2.12 -24.41
C GLU A 72 36.30 1.99 -23.17
N VAL A 73 35.13 1.34 -23.34
CA VAL A 73 34.08 1.13 -22.34
C VAL A 73 34.55 0.19 -21.22
N LYS A 74 35.19 -0.95 -21.54
CA LYS A 74 35.69 -1.90 -20.51
C LYS A 74 36.76 -1.24 -19.59
N LYS A 75 37.37 -0.12 -20.04
CA LYS A 75 38.42 0.61 -19.30
C LYS A 75 37.83 1.76 -18.43
N ILE A 76 36.49 1.92 -18.41
CA ILE A 76 35.85 2.93 -17.58
C ILE A 76 36.01 2.48 -16.13
N THR A 77 36.30 3.43 -15.22
CA THR A 77 36.46 3.17 -13.79
C THR A 77 35.63 4.15 -12.96
N ALA A 78 35.54 3.92 -11.64
CA ALA A 78 34.84 4.75 -10.65
C ALA A 78 35.51 4.57 -9.28
N GLU A 79 34.99 5.21 -8.20
CA GLU A 79 35.56 5.06 -6.85
C GLU A 79 34.47 4.71 -5.84
N ARG A 80 34.85 3.94 -4.79
CA ARG A 80 33.99 3.48 -3.70
C ARG A 80 34.82 2.89 -2.58
N HIS A 81 34.47 3.25 -1.32
CA HIS A 81 35.12 2.75 -0.11
C HIS A 81 36.66 2.98 -0.17
N GLY A 82 37.07 4.09 -0.79
CA GLY A 82 38.49 4.43 -0.95
C GLY A 82 39.23 3.68 -2.05
N LYS A 83 38.60 2.65 -2.63
CA LYS A 83 39.17 1.83 -3.68
C LYS A 83 38.55 2.16 -5.02
N ILE A 84 39.30 1.93 -6.10
CA ILE A 84 38.80 2.21 -7.44
C ILE A 84 37.93 1.01 -7.88
N VAL A 85 36.90 1.30 -8.69
CA VAL A 85 35.94 0.31 -9.19
C VAL A 85 36.20 0.09 -10.69
N ARG A 86 36.36 -1.18 -11.08
CA ARG A 86 36.60 -1.57 -12.47
C ARG A 86 35.56 -2.56 -12.94
N ILE A 87 35.41 -2.68 -14.27
CA ILE A 87 34.56 -3.69 -14.90
C ILE A 87 35.42 -4.96 -14.89
N THR A 88 34.97 -6.04 -14.23
CA THR A 88 35.80 -7.26 -14.05
C THR A 88 35.86 -8.09 -15.32
N GLU A 89 34.75 -8.19 -16.04
CA GLU A 89 34.64 -8.95 -17.26
C GLU A 89 33.52 -8.32 -18.11
N VAL A 90 33.66 -8.42 -19.42
CA VAL A 90 32.67 -7.97 -20.40
C VAL A 90 32.29 -9.20 -21.23
N GLU A 91 31.03 -9.27 -21.70
CA GLU A 91 30.57 -10.42 -22.49
C GLU A 91 29.54 -9.99 -23.54
N LYS A 92 29.78 -10.27 -24.83
CA LYS A 92 28.80 -9.91 -25.86
C LYS A 92 27.62 -10.89 -25.82
N VAL A 93 26.37 -10.40 -25.69
CA VAL A 93 25.23 -11.31 -25.60
C VAL A 93 24.12 -10.93 -26.60
N GLN A 94 23.35 -11.94 -26.99
CA GLN A 94 22.22 -11.83 -27.90
C GLN A 94 20.96 -11.96 -27.08
N LYS A 95 20.13 -10.94 -27.14
CA LYS A 95 18.88 -10.84 -26.39
C LYS A 95 17.80 -10.28 -27.29
N LYS A 96 16.64 -9.97 -26.69
CA LYS A 96 15.53 -9.35 -27.39
C LYS A 96 15.16 -8.06 -26.68
N PHE A 97 14.91 -7.01 -27.46
CA PHE A 97 14.42 -5.74 -26.97
C PHE A 97 13.25 -5.32 -27.85
N LEU A 98 12.08 -5.04 -27.24
CA LEU A 98 10.84 -4.67 -27.93
C LEU A 98 10.51 -5.68 -29.05
N GLY A 99 10.58 -6.96 -28.74
CA GLY A 99 10.31 -8.03 -29.71
C GLY A 99 11.23 -8.06 -30.94
N ARG A 100 12.52 -7.72 -30.74
CA ARG A 100 13.52 -7.67 -31.81
C ARG A 100 14.88 -8.13 -31.31
N PRO A 101 15.66 -8.97 -32.07
CA PRO A 101 17.01 -9.35 -31.59
C PRO A 101 17.91 -8.11 -31.47
N ILE A 102 18.74 -8.10 -30.45
CA ILE A 102 19.66 -6.99 -30.17
C ILE A 102 20.94 -7.56 -29.55
N GLU A 103 22.06 -6.85 -29.71
CA GLU A 103 23.34 -7.25 -29.16
C GLU A 103 23.80 -6.24 -28.16
N VAL A 104 23.99 -6.70 -26.94
CA VAL A 104 24.45 -5.81 -25.88
C VAL A 104 25.68 -6.42 -25.20
N TRP A 105 26.37 -5.62 -24.41
CA TRP A 105 27.52 -6.09 -23.66
C TRP A 105 27.13 -6.18 -22.21
N LYS A 106 27.33 -7.37 -21.65
CA LYS A 106 27.12 -7.67 -20.26
C LYS A 106 28.37 -7.22 -19.55
N LEU A 107 28.25 -6.22 -18.64
CA LEU A 107 29.41 -5.71 -17.90
C LEU A 107 29.33 -6.22 -16.48
N TYR A 108 30.32 -7.02 -16.06
CA TYR A 108 30.39 -7.61 -14.73
C TYR A 108 31.13 -6.70 -13.77
N LEU A 109 30.67 -6.67 -12.51
CA LEU A 109 31.28 -5.86 -11.45
C LEU A 109 31.50 -6.76 -10.22
N GLU A 110 32.44 -6.41 -9.33
CA GLU A 110 32.72 -7.30 -8.20
C GLU A 110 31.62 -7.23 -7.14
N HIS A 111 31.24 -6.01 -6.74
CA HIS A 111 30.29 -5.76 -5.67
C HIS A 111 29.02 -5.05 -6.13
N PRO A 112 27.82 -5.39 -5.58
CA PRO A 112 26.58 -4.68 -5.97
C PRO A 112 26.67 -3.17 -5.84
N GLN A 113 27.40 -2.69 -4.83
CA GLN A 113 27.52 -1.26 -4.62
C GLN A 113 28.43 -0.59 -5.69
N ASP A 114 29.08 -1.39 -6.55
CA ASP A 114 29.87 -0.88 -7.70
C ASP A 114 28.92 -0.36 -8.81
N VAL A 115 27.73 -0.96 -8.93
CA VAL A 115 26.74 -0.61 -9.96
C VAL A 115 26.29 0.87 -9.80
N PRO A 116 25.83 1.43 -8.64
CA PRO A 116 25.52 2.87 -8.63
C PRO A 116 26.77 3.75 -8.79
N ALA A 117 27.95 3.26 -8.36
CA ALA A 117 29.19 4.05 -8.44
C ALA A 117 29.66 4.27 -9.90
N ILE A 118 29.51 3.25 -10.76
CA ILE A 118 30.01 3.31 -12.14
C ILE A 118 28.93 3.54 -13.25
N ARG A 119 27.63 3.15 -13.03
CA ARG A 119 26.58 3.23 -14.07
C ARG A 119 26.49 4.56 -14.85
N GLU A 120 26.56 5.72 -14.16
CA GLU A 120 26.47 7.04 -14.81
C GLU A 120 27.67 7.31 -15.72
N LYS A 121 28.87 6.82 -15.33
CA LYS A 121 30.12 6.97 -16.10
C LYS A 121 30.11 6.07 -17.35
N ILE A 122 29.27 5.03 -17.38
CA ILE A 122 29.19 4.21 -18.58
C ILE A 122 28.18 4.88 -19.50
N ARG A 123 27.01 5.27 -18.94
CA ARG A 123 25.93 5.92 -19.67
C ARG A 123 26.42 7.23 -20.37
N GLU A 124 27.28 8.03 -19.71
CA GLU A 124 27.77 9.30 -20.24
C GLU A 124 28.68 9.13 -21.47
N HIS A 125 29.29 7.93 -21.65
CA HIS A 125 30.23 7.68 -22.74
C HIS A 125 29.57 7.85 -24.15
N PRO A 126 30.24 8.62 -25.05
CA PRO A 126 29.67 8.89 -26.39
C PRO A 126 29.41 7.66 -27.28
N ALA A 127 30.10 6.56 -27.00
CA ALA A 127 29.93 5.32 -27.75
C ALA A 127 28.81 4.44 -27.16
N VAL A 128 28.23 4.84 -26.00
CA VAL A 128 27.18 4.09 -25.32
C VAL A 128 25.80 4.67 -25.67
N VAL A 129 24.95 3.85 -26.32
CA VAL A 129 23.60 4.21 -26.75
C VAL A 129 22.71 4.31 -25.52
N ASP A 130 22.72 3.27 -24.68
CA ASP A 130 21.97 3.20 -23.43
C ASP A 130 22.51 2.07 -22.61
N ILE A 131 22.13 2.04 -21.33
CA ILE A 131 22.43 1.01 -20.35
C ILE A 131 21.10 0.43 -19.85
N PHE A 132 21.14 -0.80 -19.35
CA PHE A 132 19.93 -1.52 -18.95
C PHE A 132 20.16 -2.33 -17.69
N GLU A 133 19.07 -2.63 -16.97
CA GLU A 133 19.03 -3.49 -15.77
C GLU A 133 20.14 -3.08 -14.77
N TYR A 134 20.20 -1.78 -14.45
CA TYR A 134 21.22 -1.18 -13.58
C TYR A 134 20.67 -0.74 -12.20
N ASP A 135 19.41 -1.10 -11.90
CA ASP A 135 18.79 -0.73 -10.62
C ASP A 135 18.00 -1.89 -10.03
N ILE A 136 18.42 -3.15 -10.31
CA ILE A 136 17.79 -4.37 -9.76
C ILE A 136 18.56 -4.77 -8.49
N PRO A 137 17.97 -4.78 -7.26
CA PRO A 137 18.76 -5.18 -6.06
C PRO A 137 19.34 -6.59 -6.21
N PHE A 138 20.57 -6.80 -5.71
CA PHE A 138 21.34 -8.05 -5.82
C PHE A 138 20.54 -9.27 -5.38
N ALA A 139 19.86 -9.20 -4.24
CA ALA A 139 19.06 -10.31 -3.72
C ALA A 139 17.90 -10.68 -4.67
N LYS A 140 17.31 -9.66 -5.34
CA LYS A 140 16.23 -9.87 -6.31
C LYS A 140 16.81 -10.37 -7.62
N ARG A 141 17.95 -9.81 -8.03
CA ARG A 141 18.69 -10.24 -9.23
C ARG A 141 19.05 -11.73 -9.11
N TYR A 142 19.48 -12.15 -7.90
CA TYR A 142 19.87 -13.55 -7.63
C TYR A 142 18.71 -14.52 -7.78
N LEU A 143 17.57 -14.23 -7.13
CA LEU A 143 16.39 -15.14 -7.20
C LEU A 143 15.88 -15.32 -8.65
N ILE A 144 15.95 -14.27 -9.46
CA ILE A 144 15.48 -14.30 -10.85
C ILE A 144 16.45 -15.14 -11.67
N ASP A 145 17.74 -14.72 -11.72
CA ASP A 145 18.77 -15.36 -12.54
C ASP A 145 18.98 -16.85 -12.23
N LYS A 146 18.78 -17.23 -10.96
CA LYS A 146 18.97 -18.62 -10.51
C LYS A 146 17.68 -19.43 -10.58
N GLY A 147 16.57 -18.82 -11.04
CA GLY A 147 15.27 -19.48 -11.14
C GLY A 147 14.72 -19.94 -9.79
N LEU A 148 14.96 -19.14 -8.72
CA LEU A 148 14.55 -19.50 -7.36
C LEU A 148 13.26 -18.81 -6.94
N THR A 149 12.34 -19.61 -6.37
CA THR A 149 11.04 -19.14 -5.97
C THR A 149 10.80 -19.32 -4.45
N PRO A 150 10.54 -18.20 -3.74
CA PRO A 150 10.24 -18.29 -2.31
C PRO A 150 8.88 -18.92 -2.05
N MET A 151 8.69 -19.48 -0.86
CA MET A 151 7.41 -19.99 -0.36
C MET A 151 6.85 -21.20 -1.12
N GLU A 152 7.72 -22.08 -1.65
CA GLU A 152 7.26 -23.29 -2.32
C GLU A 152 7.17 -24.43 -1.32
N GLY A 153 6.18 -25.30 -1.49
CA GLY A 153 6.03 -26.46 -0.61
C GLY A 153 5.01 -26.29 0.50
N ASN A 154 4.89 -27.31 1.36
CA ASN A 154 3.91 -27.39 2.44
C ASN A 154 4.54 -27.13 3.83
N GLU A 155 5.78 -26.58 3.85
CA GLU A 155 6.54 -26.25 5.05
C GLU A 155 5.72 -25.31 5.96
N GLU A 156 5.48 -25.70 7.23
CA GLU A 156 4.70 -24.91 8.18
C GLU A 156 5.59 -23.94 8.94
N LEU A 157 5.31 -22.64 8.83
CA LEU A 157 6.08 -21.61 9.53
C LEU A 157 5.50 -21.32 10.91
N THR A 158 6.31 -20.74 11.82
CA THR A 158 5.83 -20.34 13.14
C THR A 158 5.69 -18.81 13.20
N PHE A 159 4.71 -18.38 13.97
CA PHE A 159 4.31 -16.99 14.05
C PHE A 159 4.29 -16.47 15.46
N LEU A 160 4.69 -15.21 15.62
CA LEU A 160 4.59 -14.48 16.88
C LEU A 160 4.17 -13.06 16.62
N ALA A 161 3.09 -12.60 17.25
CA ALA A 161 2.67 -11.20 17.17
C ALA A 161 3.37 -10.43 18.26
N VAL A 162 3.82 -9.19 17.99
CA VAL A 162 4.49 -8.31 18.99
C VAL A 162 3.86 -6.92 18.92
N ASP A 163 3.72 -6.28 20.09
CA ASP A 163 3.16 -4.95 20.22
C ASP A 163 3.70 -4.28 21.49
N ILE A 164 3.61 -2.94 21.57
CA ILE A 164 4.12 -2.18 22.72
C ILE A 164 3.16 -1.10 23.08
N GLU A 165 3.16 -0.70 24.34
CA GLU A 165 2.44 0.48 24.79
C GLU A 165 3.49 1.45 25.35
N THR A 166 3.31 2.75 25.12
CA THR A 166 4.26 3.78 25.57
C THR A 166 3.55 4.89 26.34
N LEU A 167 4.34 5.71 27.03
CA LEU A 167 3.89 6.88 27.76
C LEU A 167 4.05 8.09 26.85
N TYR A 168 2.93 8.65 26.35
CA TYR A 168 2.96 9.76 25.41
C TYR A 168 2.17 10.96 25.90
N HIS A 169 2.75 12.16 25.76
CA HIS A 169 2.10 13.45 26.02
C HIS A 169 2.14 14.22 24.72
N GLU A 170 1.05 14.93 24.42
CA GLU A 170 0.87 15.68 23.17
C GLU A 170 2.07 16.55 22.83
N GLY A 171 2.58 16.39 21.62
CA GLY A 171 3.69 17.19 21.09
C GLY A 171 5.10 16.82 21.49
N GLU A 172 5.29 15.68 22.17
CA GLU A 172 6.62 15.22 22.58
C GLU A 172 7.42 14.69 21.41
N GLU A 173 8.76 14.79 21.49
CA GLU A 173 9.64 14.20 20.50
C GLU A 173 9.47 12.68 20.50
N PHE A 174 9.66 12.03 19.35
CA PHE A 174 9.50 10.59 19.22
C PHE A 174 10.48 9.86 20.12
N GLY A 175 9.94 8.97 20.95
CA GLY A 175 10.74 8.18 21.88
C GLY A 175 11.09 8.84 23.20
N LYS A 176 10.54 10.05 23.51
CA LYS A 176 10.82 10.76 24.78
C LYS A 176 10.36 9.97 26.01
N GLY A 177 9.15 9.45 25.95
CA GLY A 177 8.54 8.68 27.02
C GLY A 177 8.96 7.23 26.96
N PRO A 178 9.00 6.53 28.10
CA PRO A 178 9.41 5.13 28.05
C PRO A 178 8.33 4.22 27.46
N ILE A 179 8.76 3.03 27.09
CA ILE A 179 7.85 1.95 26.73
C ILE A 179 7.36 1.46 28.08
N ILE A 180 6.07 1.33 28.25
CA ILE A 180 5.58 0.95 29.58
C ILE A 180 5.09 -0.50 29.62
N MET A 181 4.80 -1.07 28.44
CA MET A 181 4.38 -2.47 28.27
C MET A 181 4.82 -2.99 26.93
N ILE A 182 5.03 -4.32 26.87
CA ILE A 182 5.38 -5.05 25.66
C ILE A 182 4.47 -6.28 25.65
N SER A 183 3.69 -6.45 24.62
CA SER A 183 2.84 -7.63 24.56
C SER A 183 3.23 -8.47 23.34
N TYR A 184 2.96 -9.77 23.43
CA TYR A 184 3.20 -10.75 22.38
C TYR A 184 2.10 -11.80 22.48
N ALA A 185 1.88 -12.50 21.39
CA ALA A 185 0.85 -13.53 21.30
C ALA A 185 1.19 -14.51 20.20
N ASP A 186 0.84 -15.77 20.43
CA ASP A 186 0.92 -16.90 19.50
C ASP A 186 -0.19 -17.88 19.95
N GLU A 187 -0.12 -19.16 19.54
CA GLU A 187 -1.11 -20.19 19.91
C GLU A 187 -1.13 -20.51 21.40
N GLU A 188 -0.02 -20.25 22.13
CA GLU A 188 0.08 -20.51 23.57
C GLU A 188 -0.65 -19.43 24.42
N GLY A 189 -1.11 -18.36 23.77
CA GLY A 189 -1.84 -17.28 24.42
C GLY A 189 -1.22 -15.91 24.21
N ALA A 190 -1.90 -14.87 24.73
CA ALA A 190 -1.42 -13.49 24.67
C ALA A 190 -0.84 -13.12 26.05
N LYS A 191 0.34 -12.46 26.08
CA LYS A 191 1.01 -12.10 27.33
C LYS A 191 1.44 -10.63 27.36
N VAL A 192 1.55 -10.02 28.56
CA VAL A 192 2.00 -8.63 28.73
C VAL A 192 3.22 -8.61 29.66
N ILE A 193 4.24 -7.83 29.28
CA ILE A 193 5.43 -7.60 30.09
C ILE A 193 5.39 -6.14 30.47
N THR A 194 5.43 -5.84 31.77
CA THR A 194 5.35 -4.47 32.26
C THR A 194 6.24 -4.28 33.50
N TRP A 195 6.63 -3.03 33.79
CA TRP A 195 7.53 -2.74 34.88
C TRP A 195 6.85 -1.99 36.03
N LYS A 196 5.53 -2.16 36.13
CA LYS A 196 4.71 -1.68 37.24
C LYS A 196 3.77 -2.83 37.63
N SER A 197 3.47 -2.93 38.93
CA SER A 197 2.67 -4.01 39.50
C SER A 197 1.19 -4.00 39.00
N ILE A 198 0.80 -5.04 38.25
CA ILE A 198 -0.57 -5.23 37.76
C ILE A 198 -0.90 -6.68 38.05
N ASP A 199 -2.00 -6.94 38.75
CA ASP A 199 -2.30 -8.33 39.11
C ASP A 199 -3.31 -8.98 38.15
N LEU A 200 -2.80 -9.49 37.01
CA LEU A 200 -3.58 -10.21 35.99
C LEU A 200 -2.82 -11.49 35.62
N PRO A 201 -3.50 -12.61 35.21
CA PRO A 201 -2.77 -13.87 34.98
C PRO A 201 -1.78 -13.83 33.82
N TYR A 202 -2.02 -13.00 32.83
CA TYR A 202 -1.16 -12.91 31.64
C TYR A 202 -0.14 -11.77 31.73
N VAL A 203 0.04 -11.18 32.93
CA VAL A 203 0.97 -10.07 33.08
C VAL A 203 2.23 -10.52 33.85
N GLU A 204 3.42 -10.32 33.23
CA GLU A 204 4.74 -10.58 33.83
C GLU A 204 5.30 -9.23 34.29
N VAL A 205 5.44 -9.06 35.61
CA VAL A 205 5.95 -7.80 36.15
C VAL A 205 7.47 -7.92 36.26
N VAL A 206 8.23 -6.94 35.70
CA VAL A 206 9.70 -6.89 35.75
C VAL A 206 10.10 -5.57 36.43
N SER A 207 11.39 -5.38 36.71
CA SER A 207 11.86 -4.22 37.50
C SER A 207 11.93 -2.88 36.74
N SER A 208 12.25 -2.87 35.45
CA SER A 208 12.44 -1.63 34.71
C SER A 208 12.10 -1.78 33.24
N GLU A 209 12.17 -0.67 32.47
CA GLU A 209 11.95 -0.65 31.04
C GLU A 209 13.04 -1.48 30.38
N ARG A 210 14.28 -1.32 30.86
CA ARG A 210 15.44 -2.08 30.39
C ARG A 210 15.19 -3.58 30.53
N GLU A 211 14.73 -4.02 31.71
CA GLU A 211 14.46 -5.44 31.92
C GLU A 211 13.29 -5.95 31.08
N MET A 212 12.33 -5.09 30.75
CA MET A 212 11.18 -5.48 29.94
C MET A 212 11.61 -5.70 28.49
N ILE A 213 12.49 -4.83 27.97
CA ILE A 213 12.99 -4.93 26.62
C ILE A 213 13.87 -6.19 26.51
N LYS A 214 14.72 -6.43 27.52
CA LYS A 214 15.54 -7.65 27.51
C LYS A 214 14.64 -8.89 27.59
N ARG A 215 13.48 -8.81 28.29
CA ARG A 215 12.55 -9.95 28.33
C ARG A 215 11.97 -10.24 26.94
N LEU A 216 11.63 -9.17 26.14
CA LEU A 216 11.10 -9.32 24.80
C LEU A 216 12.12 -10.04 23.93
N VAL A 217 13.40 -9.62 24.01
CA VAL A 217 14.54 -10.23 23.32
C VAL A 217 14.61 -11.73 23.66
N LYS A 218 14.46 -12.09 24.93
CA LYS A 218 14.56 -13.50 25.36
C LYS A 218 13.39 -14.33 24.79
N VAL A 219 12.16 -13.81 24.84
CA VAL A 219 10.95 -14.44 24.28
C VAL A 219 11.13 -14.73 22.79
N ILE A 220 11.61 -13.73 22.03
CA ILE A 220 11.80 -13.86 20.59
C ILE A 220 12.92 -14.87 20.32
N ARG A 221 14.03 -14.82 21.08
CA ARG A 221 15.14 -15.76 20.85
C ARG A 221 14.73 -17.19 21.23
N GLU A 222 13.89 -17.36 22.26
CA GLU A 222 13.45 -18.71 22.70
C GLU A 222 12.34 -19.27 21.83
N LYS A 223 11.33 -18.47 21.46
CA LYS A 223 10.23 -18.93 20.61
C LYS A 223 10.72 -19.12 19.15
N ASP A 224 11.82 -18.41 18.76
CA ASP A 224 12.45 -18.47 17.46
C ASP A 224 11.40 -18.42 16.31
N PRO A 225 10.48 -17.43 16.29
CA PRO A 225 9.47 -17.42 15.24
C PRO A 225 10.06 -17.15 13.87
N ASP A 226 9.48 -17.77 12.87
CA ASP A 226 9.86 -17.52 11.49
C ASP A 226 9.27 -16.17 11.05
N VAL A 227 8.11 -15.83 11.64
CA VAL A 227 7.35 -14.63 11.27
C VAL A 227 7.00 -13.82 12.50
N ILE A 228 7.43 -12.54 12.53
CA ILE A 228 7.07 -11.59 13.58
C ILE A 228 5.98 -10.70 13.01
N ILE A 229 4.75 -10.80 13.57
CA ILE A 229 3.61 -10.01 13.11
C ILE A 229 3.50 -8.74 13.94
N THR A 230 3.33 -7.59 13.26
CA THR A 230 3.07 -6.33 13.99
C THR A 230 1.93 -5.59 13.29
N TYR A 231 1.43 -4.56 13.96
CA TYR A 231 0.46 -3.66 13.37
C TYR A 231 1.14 -2.30 13.39
N ASN A 232 1.63 -1.85 12.22
CA ASN A 232 2.42 -0.61 12.06
C ASN A 232 3.77 -0.69 12.84
N GLY A 233 4.37 -1.89 12.86
CA GLY A 233 5.68 -2.09 13.49
C GLY A 233 6.79 -1.38 12.74
N ASP A 234 6.62 -1.21 11.42
CA ASP A 234 7.62 -0.53 10.58
C ASP A 234 7.83 0.91 10.99
N ASN A 235 6.73 1.60 11.33
CA ASN A 235 6.75 3.02 11.63
C ASN A 235 6.43 3.35 13.10
N PHE A 236 6.25 2.34 13.99
CA PHE A 236 6.06 2.66 15.40
C PHE A 236 6.77 1.68 16.34
N ALA A 237 6.24 0.45 16.55
CA ALA A 237 6.81 -0.49 17.52
C ALA A 237 8.32 -0.65 17.40
N PHE A 238 8.86 -1.01 16.21
CA PHE A 238 10.29 -1.24 16.07
C PHE A 238 11.11 0.05 16.09
N PRO A 239 10.80 1.17 15.37
CA PRO A 239 11.60 2.39 15.57
C PRO A 239 11.59 2.85 17.03
N TYR A 240 10.47 2.65 17.78
CA TYR A 240 10.39 3.04 19.20
C TYR A 240 11.29 2.14 20.06
N LEU A 241 11.27 0.79 19.82
CA LEU A 241 12.14 -0.17 20.53
C LEU A 241 13.62 0.16 20.32
N LEU A 242 14.00 0.48 19.09
CA LEU A 242 15.36 0.84 18.73
C LEU A 242 15.79 2.14 19.40
N LYS A 243 14.91 3.15 19.48
CA LYS A 243 15.19 4.43 20.13
C LYS A 243 15.44 4.25 21.63
N ARG A 244 14.56 3.49 22.29
CA ARG A 244 14.68 3.26 23.73
C ARG A 244 15.88 2.36 24.06
N ALA A 245 16.17 1.34 23.22
CA ALA A 245 17.31 0.43 23.43
C ALA A 245 18.63 1.22 23.32
N GLU A 246 18.69 2.19 22.39
CA GLU A 246 19.83 3.07 22.18
C GLU A 246 20.05 3.96 23.43
N LYS A 247 18.96 4.58 23.93
N LYS A 247 18.96 4.58 23.93
CA LYS A 247 18.98 5.43 25.12
CA LYS A 247 18.99 5.43 25.11
C LYS A 247 19.47 4.62 26.33
C LYS A 247 19.45 4.64 26.35
N LEU A 248 18.94 3.41 26.50
CA LEU A 248 19.26 2.52 27.62
C LEU A 248 20.57 1.76 27.41
N GLY A 249 21.22 1.93 26.27
CA GLY A 249 22.49 1.28 25.93
C GLY A 249 22.41 -0.24 25.90
N ILE A 250 21.34 -0.79 25.31
CA ILE A 250 21.19 -2.24 25.22
C ILE A 250 21.01 -2.61 23.76
N LYS A 251 21.38 -3.84 23.41
CA LYS A 251 21.29 -4.39 22.06
C LYS A 251 20.00 -5.19 21.92
N LEU A 252 19.48 -5.30 20.67
CA LEU A 252 18.29 -6.10 20.35
C LEU A 252 18.66 -7.22 19.36
N PRO A 253 19.37 -8.29 19.80
CA PRO A 253 19.79 -9.33 18.83
C PRO A 253 18.61 -10.25 18.44
N LEU A 254 17.69 -9.71 17.61
CA LEU A 254 16.48 -10.40 17.17
C LEU A 254 16.68 -11.21 15.88
N GLY A 255 17.71 -10.86 15.13
CA GLY A 255 18.06 -11.59 13.91
C GLY A 255 18.59 -12.98 14.26
N ARG A 256 18.44 -13.94 13.32
CA ARG A 256 18.88 -15.32 13.56
C ARG A 256 20.40 -15.42 13.45
N ASP A 257 21.05 -14.33 13.03
CA ASP A 257 22.51 -14.20 12.97
C ASP A 257 22.96 -13.25 14.08
N ASN A 258 22.05 -12.98 15.05
CA ASN A 258 22.16 -12.08 16.23
C ASN A 258 22.20 -10.60 15.86
N SER A 259 21.79 -10.26 14.63
CA SER A 259 21.78 -8.86 14.20
C SER A 259 20.56 -8.13 14.78
N GLU A 260 20.66 -6.81 14.79
CA GLU A 260 19.57 -5.99 15.33
C GLU A 260 18.47 -5.73 14.28
N PRO A 261 17.21 -5.36 14.63
CA PRO A 261 16.24 -5.01 13.56
C PRO A 261 16.80 -3.87 12.72
N LYS A 262 16.63 -3.93 11.39
CA LYS A 262 17.19 -2.92 10.51
C LYS A 262 16.10 -2.07 9.86
N MET A 263 16.18 -0.75 10.10
CA MET A 263 15.31 0.28 9.59
C MET A 263 15.77 0.70 8.22
N GLN A 264 14.92 0.50 7.22
CA GLN A 264 15.17 0.88 5.83
C GLN A 264 14.22 1.99 5.44
N ARG A 265 14.74 3.10 4.91
CA ARG A 265 13.91 4.23 4.50
C ARG A 265 13.21 3.86 3.20
N MET A 266 11.90 3.55 3.27
CA MET A 266 11.10 3.16 2.12
C MET A 266 10.15 4.30 1.83
N GLY A 267 10.64 5.25 1.02
CA GLY A 267 9.93 6.46 0.66
C GLY A 267 10.03 7.50 1.74
N ASP A 268 8.90 8.17 2.01
CA ASP A 268 8.78 9.17 3.06
C ASP A 268 8.69 8.49 4.45
N SER A 269 8.49 7.15 4.49
CA SER A 269 8.33 6.37 5.72
C SER A 269 9.47 5.31 5.94
N LEU A 270 9.25 4.33 6.83
CA LEU A 270 10.21 3.29 7.17
C LEU A 270 9.66 1.90 6.96
N ALA A 271 10.58 0.94 6.81
CA ALA A 271 10.30 -0.51 6.77
C ALA A 271 11.39 -1.19 7.58
N VAL A 272 11.00 -2.13 8.43
CA VAL A 272 11.93 -2.76 9.33
C VAL A 272 12.09 -4.22 8.97
N GLU A 273 13.33 -4.68 8.90
CA GLU A 273 13.61 -6.09 8.64
C GLU A 273 14.34 -6.75 9.84
N ILE A 274 14.07 -8.06 10.02
CA ILE A 274 14.70 -8.90 11.04
C ILE A 274 15.28 -10.08 10.26
N LYS A 275 16.61 -10.15 10.18
CA LYS A 275 17.36 -11.16 9.42
C LYS A 275 17.04 -12.59 9.88
N GLY A 276 16.82 -13.48 8.92
CA GLY A 276 16.48 -14.88 9.16
C GLY A 276 15.00 -15.13 9.40
N ARG A 277 14.22 -14.03 9.52
CA ARG A 277 12.76 -14.03 9.77
C ARG A 277 12.05 -13.17 8.78
N ILE A 278 10.71 -13.21 8.86
CA ILE A 278 9.84 -12.32 8.11
C ILE A 278 9.18 -11.38 9.07
N HIS A 279 9.53 -10.07 9.00
CA HIS A 279 8.78 -9.10 9.78
C HIS A 279 7.53 -8.76 8.98
N PHE A 280 6.40 -9.35 9.37
CA PHE A 280 5.17 -9.12 8.66
C PHE A 280 4.38 -7.97 9.29
N ASP A 281 4.47 -6.76 8.73
CA ASP A 281 3.69 -5.63 9.23
C ASP A 281 2.35 -5.70 8.53
N LEU A 282 1.26 -5.85 9.29
CA LEU A 282 -0.10 -5.95 8.72
C LEU A 282 -0.62 -4.64 8.11
N PHE A 283 -0.14 -3.49 8.60
CA PHE A 283 -0.69 -2.19 8.18
C PHE A 283 -0.66 -1.99 6.64
N PRO A 284 0.47 -2.14 5.90
CA PRO A 284 0.41 -1.93 4.44
C PRO A 284 -0.40 -3.05 3.74
N VAL A 285 -0.32 -4.29 4.27
CA VAL A 285 -1.05 -5.45 3.76
C VAL A 285 -2.58 -5.16 3.73
N ILE A 286 -3.18 -4.85 4.88
CA ILE A 286 -4.64 -4.68 5.02
C ILE A 286 -5.14 -3.42 4.27
N ARG A 287 -4.36 -2.34 4.30
CA ARG A 287 -4.63 -1.10 3.56
C ARG A 287 -4.89 -1.34 2.06
N ARG A 288 -4.24 -2.36 1.47
CA ARG A 288 -4.42 -2.74 0.05
C ARG A 288 -5.60 -3.67 -0.18
N THR A 289 -5.82 -4.58 0.76
CA THR A 289 -6.80 -5.66 0.63
C THR A 289 -8.23 -5.19 0.78
N ILE A 290 -8.51 -4.37 1.79
CA ILE A 290 -9.89 -3.96 2.03
C ILE A 290 -10.01 -2.43 1.99
N ASN A 291 -11.26 -1.94 1.90
CA ASN A 291 -11.60 -0.53 1.87
C ASN A 291 -12.18 -0.12 3.22
N LEU A 292 -11.53 0.83 3.89
CA LEU A 292 -11.95 1.39 5.17
C LEU A 292 -11.62 2.87 5.18
N PRO A 293 -12.44 3.73 5.83
CA PRO A 293 -12.06 5.14 5.89
C PRO A 293 -10.81 5.34 6.75
N THR A 294 -10.63 4.50 7.82
CA THR A 294 -9.47 4.56 8.71
C THR A 294 -9.03 3.14 9.07
N TYR A 295 -7.72 2.88 8.94
CA TYR A 295 -7.21 1.56 9.20
C TYR A 295 -6.59 1.48 10.57
N THR A 296 -7.44 1.69 11.58
CA THR A 296 -7.01 1.46 12.96
C THR A 296 -7.13 -0.03 13.18
N LEU A 297 -6.38 -0.59 14.14
CA LEU A 297 -6.48 -2.01 14.44
C LEU A 297 -7.93 -2.38 14.82
N GLU A 298 -8.63 -1.54 15.61
CA GLU A 298 -10.01 -1.81 16.06
C GLU A 298 -10.98 -1.83 14.88
N ALA A 299 -10.82 -0.91 13.90
CA ALA A 299 -11.69 -0.87 12.71
C ALA A 299 -11.40 -2.07 11.78
N VAL A 300 -10.12 -2.45 11.68
CA VAL A 300 -9.65 -3.58 10.85
C VAL A 300 -10.19 -4.92 11.42
N TYR A 301 -10.01 -5.13 12.75
CA TYR A 301 -10.45 -6.35 13.43
C TYR A 301 -11.95 -6.59 13.25
N GLU A 302 -12.77 -5.51 13.40
CA GLU A 302 -14.22 -5.53 13.29
C GLU A 302 -14.68 -5.83 11.85
N ALA A 303 -14.03 -5.22 10.85
CA ALA A 303 -14.34 -5.48 9.43
C ALA A 303 -14.12 -6.97 9.04
N ILE A 304 -13.07 -7.61 9.59
CA ILE A 304 -12.71 -8.99 9.22
C ILE A 304 -13.40 -10.04 10.11
N PHE A 305 -13.47 -9.81 11.44
CA PHE A 305 -14.04 -10.84 12.33
C PHE A 305 -15.45 -10.53 12.84
N GLY A 306 -16.01 -9.36 12.51
CA GLY A 306 -17.36 -8.96 12.88
C GLY A 306 -17.59 -8.81 14.38
N LYS A 307 -16.51 -8.48 15.13
CA LYS A 307 -16.52 -8.29 16.57
C LYS A 307 -15.90 -6.94 16.92
N SER A 308 -16.44 -6.25 17.95
CA SER A 308 -15.93 -4.96 18.40
C SER A 308 -14.70 -5.13 19.29
N LYS A 309 -13.77 -4.18 19.20
CA LYS A 309 -12.56 -4.13 20.01
C LYS A 309 -12.46 -2.73 20.57
N GLU A 310 -12.37 -2.59 21.89
CA GLU A 310 -12.28 -1.25 22.48
C GLU A 310 -10.89 -0.64 22.24
N LYS A 311 -10.85 0.69 21.99
CA LYS A 311 -9.62 1.47 21.88
C LYS A 311 -9.41 2.22 23.19
N VAL A 312 -8.20 2.10 23.78
CA VAL A 312 -7.81 2.87 24.98
C VAL A 312 -6.79 3.87 24.43
N TYR A 313 -7.14 5.14 24.48
CA TYR A 313 -6.36 6.22 23.89
C TYR A 313 -5.12 6.57 24.70
N ALA A 314 -4.13 7.20 24.00
CA ALA A 314 -2.82 7.58 24.53
C ALA A 314 -2.94 8.34 25.84
N HIS A 315 -3.89 9.31 25.92
CA HIS A 315 -4.08 10.11 27.14
C HIS A 315 -4.63 9.24 28.28
N GLU A 316 -5.51 8.26 28.00
CA GLU A 316 -6.02 7.37 29.05
C GLU A 316 -4.89 6.50 29.61
N ILE A 317 -3.98 6.05 28.72
CA ILE A 317 -2.83 5.20 29.03
C ILE A 317 -1.84 6.01 29.91
N ALA A 318 -1.47 7.24 29.48
CA ALA A 318 -0.59 8.11 30.26
C ALA A 318 -1.17 8.39 31.65
N GLU A 319 -2.48 8.68 31.73
CA GLU A 319 -3.12 8.99 33.01
C GLU A 319 -3.05 7.78 33.98
N ALA A 320 -3.34 6.56 33.48
CA ALA A 320 -3.30 5.34 34.28
C ALA A 320 -1.88 5.02 34.75
N TRP A 321 -0.89 5.18 33.86
CA TRP A 321 0.50 4.91 34.21
C TRP A 321 1.00 5.86 35.32
N GLU A 322 0.82 7.19 35.14
CA GLU A 322 1.28 8.23 36.06
C GLU A 322 0.53 8.23 37.40
N THR A 323 -0.78 7.94 37.40
CA THR A 323 -1.53 7.93 38.66
C THR A 323 -1.48 6.55 39.34
N GLY A 324 -1.31 5.49 38.55
CA GLY A 324 -1.29 4.12 39.04
C GLY A 324 -2.70 3.54 39.13
N LYS A 325 -3.69 4.30 38.64
CA LYS A 325 -5.10 3.93 38.70
C LYS A 325 -5.63 3.48 37.34
N GLY A 326 -6.27 2.31 37.32
CA GLY A 326 -6.86 1.72 36.12
C GLY A 326 -5.87 1.06 35.16
N LEU A 327 -4.72 0.56 35.68
CA LEU A 327 -3.68 -0.10 34.91
C LEU A 327 -4.11 -1.46 34.35
N GLU A 328 -5.12 -2.09 34.99
CA GLU A 328 -5.65 -3.39 34.57
C GLU A 328 -6.30 -3.24 33.20
N ARG A 329 -6.96 -2.08 32.95
CA ARG A 329 -7.62 -1.75 31.69
C ARG A 329 -6.56 -1.58 30.59
N VAL A 330 -5.43 -0.91 30.89
CA VAL A 330 -4.34 -0.66 29.94
C VAL A 330 -3.63 -1.99 29.60
N ALA A 331 -3.39 -2.85 30.61
CA ALA A 331 -2.80 -4.17 30.43
C ALA A 331 -3.71 -5.04 29.56
N LYS A 332 -5.05 -5.00 29.76
CA LYS A 332 -6.01 -5.77 28.92
C LYS A 332 -5.96 -5.25 27.47
N TYR A 333 -5.91 -3.92 27.28
CA TYR A 333 -5.78 -3.30 25.96
C TYR A 333 -4.50 -3.79 25.21
N SER A 334 -3.34 -3.79 25.90
CA SER A 334 -2.04 -4.27 25.41
C SER A 334 -2.14 -5.75 24.99
N MET A 335 -2.78 -6.58 25.84
CA MET A 335 -2.99 -8.01 25.60
C MET A 335 -3.84 -8.24 24.34
N GLU A 336 -4.98 -7.54 24.24
CA GLU A 336 -5.91 -7.66 23.09
C GLU A 336 -5.24 -7.20 21.81
N ASP A 337 -4.37 -6.17 21.89
CA ASP A 337 -3.62 -5.67 20.73
C ASP A 337 -2.74 -6.78 20.14
N ALA A 338 -1.99 -7.52 21.00
CA ALA A 338 -1.17 -8.63 20.53
C ALA A 338 -2.07 -9.79 20.06
N LYS A 339 -3.14 -10.13 20.84
CA LYS A 339 -4.05 -11.23 20.52
C LYS A 339 -4.67 -11.09 19.13
N VAL A 340 -5.25 -9.93 18.83
CA VAL A 340 -5.87 -9.73 17.52
C VAL A 340 -4.80 -9.55 16.42
N THR A 341 -3.57 -9.08 16.76
CA THR A 341 -2.51 -8.93 15.75
C THR A 341 -2.13 -10.33 15.26
N PHE A 342 -2.06 -11.31 16.19
CA PHE A 342 -1.77 -12.70 15.86
C PHE A 342 -2.87 -13.26 14.96
N GLU A 343 -4.12 -13.03 15.36
CA GLU A 343 -5.32 -13.50 14.65
C GLU A 343 -5.37 -12.94 13.24
N LEU A 344 -5.08 -11.63 13.10
CA LEU A 344 -5.08 -10.99 11.79
C LEU A 344 -3.91 -11.49 10.93
N GLY A 345 -2.75 -11.73 11.54
CA GLY A 345 -1.57 -12.23 10.83
C GLY A 345 -1.79 -13.57 10.17
N LYS A 346 -2.47 -14.50 10.91
CA LYS A 346 -2.82 -15.84 10.41
C LYS A 346 -3.83 -15.75 9.26
N GLU A 347 -4.70 -14.77 9.31
CA GLU A 347 -5.74 -14.52 8.32
C GLU A 347 -5.15 -14.00 7.00
N PHE A 348 -4.20 -13.03 7.08
CA PHE A 348 -3.66 -12.33 5.92
C PHE A 348 -2.37 -12.89 5.36
N PHE A 349 -1.59 -13.67 6.16
CA PHE A 349 -0.33 -14.21 5.68
C PHE A 349 -0.47 -15.20 4.47
N PRO A 350 -1.44 -16.17 4.44
CA PRO A 350 -1.44 -17.16 3.36
C PRO A 350 -1.50 -16.57 1.94
N MET A 351 -2.30 -15.52 1.75
CA MET A 351 -2.44 -14.84 0.46
C MET A 351 -1.15 -14.12 0.08
N GLU A 352 -0.47 -13.47 1.07
CA GLU A 352 0.81 -12.82 0.80
C GLU A 352 1.88 -13.87 0.48
N ALA A 353 1.81 -15.07 1.11
CA ALA A 353 2.76 -16.15 0.86
C ALA A 353 2.61 -16.66 -0.60
N GLN A 354 1.36 -16.77 -1.09
CA GLN A 354 1.08 -17.23 -2.45
C GLN A 354 1.45 -16.18 -3.49
N LEU A 355 1.26 -14.90 -3.15
CA LEU A 355 1.64 -13.80 -4.03
C LEU A 355 3.15 -13.79 -4.18
N ALA A 356 3.89 -13.97 -3.05
CA ALA A 356 5.38 -14.05 -3.06
C ALA A 356 5.85 -15.16 -4.01
N ARG A 357 5.27 -16.36 -3.85
CA ARG A 357 5.54 -17.53 -4.65
C ARG A 357 5.31 -17.23 -6.16
N LEU A 358 4.13 -16.67 -6.50
CA LEU A 358 3.72 -16.35 -7.87
C LEU A 358 4.68 -15.37 -8.57
N VAL A 359 5.08 -14.30 -7.87
CA VAL A 359 5.90 -13.18 -8.36
C VAL A 359 7.39 -13.55 -8.19
N GLY A 360 7.69 -14.50 -7.29
CA GLY A 360 9.05 -15.00 -7.08
C GLY A 360 9.94 -14.06 -6.31
N GLN A 361 9.39 -13.40 -5.27
CA GLN A 361 10.16 -12.49 -4.39
C GLN A 361 9.69 -12.73 -2.96
N PRO A 362 10.52 -12.43 -1.94
CA PRO A 362 10.11 -12.74 -0.55
C PRO A 362 8.91 -11.97 -0.09
N VAL A 363 8.16 -12.56 0.86
CA VAL A 363 7.00 -11.94 1.53
C VAL A 363 7.40 -10.58 2.10
N TRP A 364 8.63 -10.43 2.65
CA TRP A 364 8.97 -9.12 3.25
C TRP A 364 8.75 -8.01 2.21
N ASP A 365 9.29 -8.20 1.00
CA ASP A 365 9.20 -7.26 -0.10
C ASP A 365 7.78 -7.18 -0.72
N VAL A 366 7.15 -8.34 -0.97
CA VAL A 366 5.85 -8.46 -1.63
C VAL A 366 4.74 -7.84 -0.75
N SER A 367 4.80 -8.03 0.59
CA SER A 367 3.76 -7.50 1.48
C SER A 367 3.80 -5.97 1.55
N ARG A 368 4.95 -5.36 1.22
CA ARG A 368 5.14 -3.91 1.27
C ARG A 368 5.05 -3.26 -0.12
N SER A 369 4.51 -3.95 -1.10
CA SER A 369 4.52 -3.30 -2.42
C SER A 369 3.14 -3.21 -3.03
N SER A 370 2.96 -2.23 -3.92
CA SER A 370 1.74 -2.04 -4.71
C SER A 370 1.58 -3.19 -5.72
N THR A 371 0.38 -3.33 -6.33
CA THR A 371 0.17 -4.37 -7.35
C THR A 371 0.98 -4.02 -8.60
N GLY A 372 1.29 -2.74 -8.80
CA GLY A 372 2.09 -2.28 -9.92
C GLY A 372 3.49 -2.87 -9.87
N ASN A 373 4.08 -2.89 -8.67
CA ASN A 373 5.41 -3.45 -8.44
C ASN A 373 5.38 -4.95 -8.42
N LEU A 374 4.26 -5.58 -8.00
CA LEU A 374 4.14 -7.05 -8.07
C LEU A 374 4.18 -7.48 -9.53
N VAL A 375 3.46 -6.75 -10.40
CA VAL A 375 3.44 -7.04 -11.84
C VAL A 375 4.85 -6.91 -12.40
N GLU A 376 5.53 -5.81 -12.09
CA GLU A 376 6.87 -5.54 -12.58
C GLU A 376 7.89 -6.61 -12.16
N TRP A 377 7.84 -7.13 -10.91
N TRP A 377 7.83 -7.12 -10.91
CA TRP A 377 8.79 -8.18 -10.50
CA TRP A 377 8.75 -8.17 -10.46
C TRP A 377 8.45 -9.49 -11.20
C TRP A 377 8.45 -9.47 -11.19
N PHE A 378 7.16 -9.74 -11.47
CA PHE A 378 6.73 -10.92 -12.21
C PHE A 378 7.28 -10.80 -13.65
N LEU A 379 7.18 -9.59 -14.25
CA LEU A 379 7.67 -9.37 -15.62
C LEU A 379 9.21 -9.45 -15.73
N LEU A 380 9.96 -8.97 -14.72
CA LEU A 380 11.43 -9.00 -14.74
C LEU A 380 11.98 -10.43 -14.72
N ARG A 381 11.31 -11.29 -13.97
CA ARG A 381 11.61 -12.70 -13.90
C ARG A 381 11.33 -13.38 -15.23
N LYS A 382 10.16 -13.09 -15.84
CA LYS A 382 9.74 -13.68 -17.11
C LYS A 382 10.62 -13.17 -18.25
N ALA A 383 11.08 -11.90 -18.17
CA ALA A 383 12.01 -11.33 -19.17
C ALA A 383 13.33 -12.10 -19.13
N TYR A 384 13.81 -12.48 -17.95
CA TYR A 384 15.04 -13.29 -17.81
C TYR A 384 14.85 -14.68 -18.47
N GLU A 385 13.76 -15.36 -18.08
CA GLU A 385 13.38 -16.66 -18.61
C GLU A 385 13.28 -16.63 -20.11
N ARG A 386 12.85 -15.51 -20.70
CA ARG A 386 12.66 -15.38 -22.15
C ARG A 386 13.80 -14.64 -22.87
N ASN A 387 14.85 -14.23 -22.15
CA ASN A 387 16.03 -13.55 -22.74
C ASN A 387 15.57 -12.23 -23.39
N GLU A 388 14.71 -11.53 -22.66
CA GLU A 388 14.16 -10.25 -23.06
C GLU A 388 14.77 -9.21 -22.16
N LEU A 389 15.46 -8.26 -22.76
CA LEU A 389 16.08 -7.16 -22.03
C LEU A 389 14.95 -6.32 -21.42
N ALA A 390 15.08 -5.93 -20.16
CA ALA A 390 14.01 -5.13 -19.58
C ALA A 390 14.17 -3.67 -19.98
N PRO A 391 13.06 -2.98 -20.31
CA PRO A 391 13.16 -1.53 -20.48
C PRO A 391 13.45 -0.90 -19.10
N ASN A 392 13.93 0.33 -19.14
CA ASN A 392 14.29 1.09 -17.97
C ASN A 392 13.13 1.81 -17.37
N LYS A 393 13.21 2.06 -16.07
CA LYS A 393 12.26 2.90 -15.37
C LYS A 393 12.43 4.30 -15.95
N PRO A 394 11.38 5.13 -16.01
CA PRO A 394 11.55 6.46 -16.59
C PRO A 394 12.34 7.40 -15.70
N ASP A 395 12.97 8.44 -16.29
CA ASP A 395 13.61 9.52 -15.54
C ASP A 395 12.49 10.48 -15.07
N GLU A 396 12.80 11.51 -14.26
CA GLU A 396 11.81 12.46 -13.74
C GLU A 396 10.99 13.09 -14.88
N ARG A 397 11.65 13.64 -15.94
CA ARG A 397 10.98 14.27 -17.08
C ARG A 397 10.00 13.34 -17.78
N GLU A 398 10.41 12.06 -18.04
CA GLU A 398 9.55 11.10 -18.72
C GLU A 398 8.34 10.78 -17.83
N TYR A 399 8.60 10.49 -16.53
CA TYR A 399 7.58 10.20 -15.54
C TYR A 399 6.54 11.34 -15.50
N GLU A 400 7.02 12.60 -15.53
CA GLU A 400 6.19 13.81 -15.55
C GLU A 400 5.39 13.90 -16.86
N ARG A 401 6.04 13.65 -18.03
CA ARG A 401 5.40 13.63 -19.36
C ARG A 401 4.29 12.56 -19.40
N ARG A 402 4.48 11.44 -18.66
CA ARG A 402 3.50 10.35 -18.58
C ARG A 402 2.28 10.76 -17.75
N LEU A 403 2.49 11.49 -16.64
CA LEU A 403 1.41 11.96 -15.76
C LEU A 403 0.53 13.01 -16.45
N ARG A 404 1.07 13.73 -17.46
CA ARG A 404 0.40 14.78 -18.23
C ARG A 404 -0.28 14.24 -19.52
N GLU A 405 -0.12 12.93 -19.84
CA GLU A 405 -0.73 12.31 -21.03
C GLU A 405 -2.25 12.22 -20.91
N SER A 406 -2.97 12.65 -21.97
CA SER A 406 -4.43 12.66 -22.01
C SER A 406 -4.97 11.44 -22.76
N TYR A 407 -5.92 10.74 -22.12
CA TYR A 407 -6.54 9.51 -22.61
C TYR A 407 -7.91 9.81 -23.22
N GLU A 408 -8.11 9.44 -24.50
CA GLU A 408 -9.36 9.65 -25.21
C GLU A 408 -10.29 8.45 -24.98
N GLY A 409 -11.58 8.73 -24.93
CA GLY A 409 -12.60 7.72 -24.71
C GLY A 409 -12.76 7.39 -23.25
N VAL A 412 -18.03 6.36 -19.19
CA VAL A 412 -17.42 6.84 -17.95
C VAL A 412 -17.87 8.31 -17.74
N LYS A 413 -19.21 8.47 -17.58
CA LYS A 413 -19.94 9.74 -17.44
C LYS A 413 -20.10 10.15 -15.98
N GLU A 414 -20.57 11.40 -15.73
CA GLU A 414 -20.82 11.88 -14.38
C GLU A 414 -21.98 11.07 -13.79
N PRO A 415 -21.90 10.69 -12.50
CA PRO A 415 -22.95 9.81 -11.95
C PRO A 415 -24.28 10.53 -11.72
N GLU A 416 -25.37 9.76 -11.54
CA GLU A 416 -26.68 10.31 -11.23
C GLU A 416 -26.64 11.04 -9.88
N LYS A 417 -27.34 12.15 -9.78
CA LYS A 417 -27.39 12.97 -8.58
C LYS A 417 -28.43 12.41 -7.60
N GLY A 418 -28.36 12.87 -6.36
CA GLY A 418 -29.31 12.47 -5.33
C GLY A 418 -29.02 11.19 -4.59
N LEU A 419 -29.95 10.85 -3.70
CA LEU A 419 -29.85 9.71 -2.82
C LEU A 419 -30.65 8.54 -3.36
N TRP A 420 -29.97 7.43 -3.65
CA TRP A 420 -30.60 6.24 -4.21
C TRP A 420 -30.70 5.13 -3.17
N GLU A 421 -31.71 4.26 -3.30
CA GLU A 421 -31.99 3.09 -2.45
C GLU A 421 -31.83 1.77 -3.20
N GLY A 422 -31.45 0.72 -2.48
CA GLY A 422 -31.32 -0.64 -3.00
C GLY A 422 -30.39 -0.75 -4.19
N ILE A 423 -29.10 -0.56 -3.95
CA ILE A 423 -28.03 -0.48 -4.95
C ILE A 423 -27.20 -1.77 -5.02
N VAL A 424 -27.10 -2.32 -6.24
CA VAL A 424 -26.25 -3.48 -6.52
C VAL A 424 -24.97 -2.96 -7.14
N SER A 425 -23.84 -3.52 -6.71
CA SER A 425 -22.53 -3.22 -7.25
C SER A 425 -22.08 -4.36 -8.15
N LEU A 426 -21.68 -4.04 -9.41
CA LEU A 426 -21.12 -5.01 -10.36
C LEU A 426 -19.66 -4.67 -10.63
N ASP A 427 -18.82 -5.69 -10.74
CA ASP A 427 -17.37 -5.57 -10.96
C ASP A 427 -16.98 -6.06 -12.38
N PHE A 428 -16.24 -5.23 -13.19
CA PHE A 428 -15.81 -5.56 -14.56
C PHE A 428 -14.39 -6.06 -14.71
N ARG A 429 -13.55 -5.90 -13.70
CA ARG A 429 -12.11 -6.16 -13.71
C ARG A 429 -11.63 -7.47 -14.36
N SER A 430 -12.40 -8.57 -14.28
CA SER A 430 -12.00 -9.84 -14.87
C SER A 430 -12.24 -9.87 -16.38
N LEU A 431 -12.66 -8.75 -16.96
CA LEU A 431 -12.87 -8.63 -18.40
C LEU A 431 -11.53 -8.36 -19.14
N TYR A 432 -10.71 -7.44 -18.57
CA TYR A 432 -9.52 -6.87 -19.20
C TYR A 432 -8.39 -7.86 -19.50
N PRO A 433 -7.99 -8.86 -18.67
CA PRO A 433 -6.94 -9.79 -19.11
C PRO A 433 -7.30 -10.46 -20.45
N SER A 434 -8.56 -10.89 -20.61
CA SER A 434 -9.03 -11.53 -21.84
C SER A 434 -8.99 -10.57 -23.05
N ILE A 435 -9.20 -9.28 -22.84
CA ILE A 435 -9.11 -8.30 -23.91
C ILE A 435 -7.64 -8.16 -24.36
N ILE A 436 -6.69 -8.01 -23.39
CA ILE A 436 -5.24 -7.90 -23.64
C ILE A 436 -4.76 -9.10 -24.49
N ILE A 437 -5.20 -10.32 -24.13
CA ILE A 437 -4.79 -11.53 -24.82
C ILE A 437 -5.39 -11.67 -26.24
N THR A 438 -6.72 -11.50 -26.37
CA THR A 438 -7.37 -11.73 -27.65
C THR A 438 -6.91 -10.69 -28.68
N HIS A 439 -6.58 -9.46 -28.26
CA HIS A 439 -6.15 -8.44 -29.22
C HIS A 439 -4.64 -8.22 -29.22
N ASN A 440 -3.86 -9.11 -28.54
CA ASN A 440 -2.39 -9.09 -28.52
C ASN A 440 -1.84 -7.71 -28.13
N VAL A 441 -2.42 -7.11 -27.07
CA VAL A 441 -2.11 -5.75 -26.65
C VAL A 441 -0.80 -5.75 -25.85
N SER A 442 0.25 -5.16 -26.44
CA SER A 442 1.59 -5.15 -25.84
C SER A 442 2.41 -4.01 -26.41
N PRO A 443 3.37 -3.42 -25.65
CA PRO A 443 4.19 -2.34 -26.23
C PRO A 443 5.07 -2.85 -27.38
N ASP A 444 5.44 -4.15 -27.39
CA ASP A 444 6.26 -4.76 -28.44
C ASP A 444 5.46 -5.08 -29.71
N THR A 445 4.11 -4.99 -29.69
CA THR A 445 3.28 -5.27 -30.88
C THR A 445 2.65 -3.99 -31.42
N LEU A 446 2.71 -2.90 -30.64
CA LEU A 446 2.12 -1.62 -30.99
C LEU A 446 2.79 -1.02 -32.22
N ASN A 447 1.96 -0.60 -33.21
CA ASN A 447 2.34 0.06 -34.47
C ASN A 447 3.66 -0.51 -35.05
N ARG A 448 3.69 -1.82 -35.30
CA ARG A 448 4.87 -2.52 -35.79
C ARG A 448 5.07 -2.35 -37.29
N GLU A 449 6.30 -2.07 -37.70
CA GLU A 449 6.61 -1.90 -39.12
C GLU A 449 6.64 -3.26 -39.82
N ASN A 450 6.13 -3.29 -41.06
CA ASN A 450 6.07 -4.45 -41.97
C ASN A 450 5.30 -5.63 -41.36
N CYS A 451 4.24 -5.28 -40.64
CA CYS A 451 3.29 -6.19 -40.02
C CYS A 451 2.33 -6.70 -41.11
N LYS A 452 2.11 -8.03 -41.19
CA LYS A 452 1.19 -8.58 -42.19
C LYS A 452 -0.26 -8.42 -41.73
N GLU A 453 -0.55 -8.73 -40.43
CA GLU A 453 -1.91 -8.62 -39.89
C GLU A 453 -1.91 -7.87 -38.57
N TYR A 454 -2.92 -7.04 -38.37
CA TYR A 454 -3.03 -6.27 -37.14
C TYR A 454 -4.47 -6.08 -36.74
N ASP A 455 -4.67 -5.83 -35.43
CA ASP A 455 -5.91 -5.48 -34.78
C ASP A 455 -5.90 -4.01 -34.49
N VAL A 456 -6.97 -3.31 -34.84
CA VAL A 456 -7.16 -1.86 -34.71
C VAL A 456 -8.11 -1.61 -33.54
N ALA A 457 -7.65 -0.87 -32.53
CA ALA A 457 -8.46 -0.52 -31.38
C ALA A 457 -9.63 0.40 -31.79
N PRO A 458 -10.89 0.09 -31.38
CA PRO A 458 -12.01 0.99 -31.71
C PRO A 458 -11.79 2.39 -31.16
N GLN A 459 -12.22 3.40 -31.93
CA GLN A 459 -12.17 4.84 -31.63
C GLN A 459 -10.75 5.42 -31.66
N VAL A 460 -9.80 4.83 -30.92
CA VAL A 460 -8.42 5.35 -30.76
C VAL A 460 -7.48 4.91 -31.89
N GLY A 461 -7.82 3.80 -32.56
CA GLY A 461 -7.14 3.35 -33.76
C GLY A 461 -5.74 2.82 -33.65
N HIS A 462 -5.24 2.53 -32.44
CA HIS A 462 -3.88 1.95 -32.30
C HIS A 462 -3.86 0.55 -32.90
N ARG A 463 -2.76 0.21 -33.58
CA ARG A 463 -2.58 -1.08 -34.28
C ARG A 463 -1.64 -2.01 -33.52
N PHE A 464 -2.10 -3.23 -33.26
CA PHE A 464 -1.30 -4.23 -32.58
C PHE A 464 -1.05 -5.39 -33.55
N CYS A 465 0.21 -5.61 -33.85
CA CYS A 465 0.62 -6.68 -34.75
C CYS A 465 0.13 -8.03 -34.22
N LYS A 466 -0.41 -8.84 -35.12
CA LYS A 466 -0.91 -10.20 -34.87
C LYS A 466 0.15 -11.28 -35.21
N ASP A 467 1.29 -10.90 -35.85
CA ASP A 467 2.31 -11.83 -36.39
C ASP A 467 3.05 -12.70 -35.37
N PHE A 468 3.17 -12.23 -34.12
CA PHE A 468 3.85 -12.99 -33.06
C PHE A 468 3.11 -12.64 -31.73
N PRO A 469 2.97 -13.57 -30.75
CA PRO A 469 2.34 -13.17 -29.48
C PRO A 469 3.17 -12.14 -28.74
N GLY A 470 2.52 -11.13 -28.21
CA GLY A 470 3.21 -10.10 -27.45
C GLY A 470 3.72 -10.66 -26.14
N PHE A 471 4.77 -10.04 -25.61
CA PHE A 471 5.38 -10.46 -24.34
C PHE A 471 4.33 -10.53 -23.20
N ILE A 472 3.60 -9.42 -22.95
CA ILE A 472 2.59 -9.37 -21.90
C ILE A 472 1.37 -10.29 -22.24
N PRO A 473 0.73 -10.26 -23.46
CA PRO A 473 -0.38 -11.21 -23.73
C PRO A 473 0.03 -12.68 -23.55
N SER A 474 1.24 -13.04 -23.97
CA SER A 474 1.77 -14.40 -23.83
C SER A 474 1.77 -14.84 -22.33
N LEU A 475 2.34 -14.00 -21.47
CA LEU A 475 2.36 -14.27 -20.02
C LEU A 475 0.99 -14.34 -19.40
N LEU A 476 0.04 -13.43 -19.78
CA LEU A 476 -1.31 -13.41 -19.21
C LEU A 476 -2.09 -14.67 -19.56
N GLY A 477 -1.94 -15.11 -20.82
CA GLY A 477 -2.54 -16.33 -21.37
C GLY A 477 -2.14 -17.53 -20.55
N ASN A 478 -0.84 -17.61 -20.16
CA ASN A 478 -0.32 -18.69 -19.32
C ASN A 478 -0.89 -18.59 -17.90
N LEU A 479 -0.98 -17.37 -17.34
CA LEU A 479 -1.57 -17.17 -16.00
C LEU A 479 -3.03 -17.65 -15.96
N LEU A 480 -3.83 -17.27 -16.97
CA LEU A 480 -5.24 -17.63 -17.00
C LEU A 480 -5.43 -19.11 -17.13
N GLU A 481 -4.60 -19.75 -17.97
CA GLU A 481 -4.61 -21.18 -18.20
C GLU A 481 -4.24 -21.92 -16.91
N GLU A 482 -3.20 -21.45 -16.21
CA GLU A 482 -2.77 -22.02 -14.93
C GLU A 482 -3.90 -21.89 -13.86
N ARG A 483 -4.63 -20.74 -13.84
CA ARG A 483 -5.73 -20.57 -12.88
C ARG A 483 -6.86 -21.57 -13.17
N GLN A 484 -7.19 -21.82 -14.47
CA GLN A 484 -8.24 -22.77 -14.87
C GLN A 484 -7.88 -24.20 -14.49
N LYS A 485 -6.58 -24.56 -14.60
CA LYS A 485 -6.09 -25.89 -14.19
C LYS A 485 -6.28 -26.04 -12.68
N ILE A 486 -5.88 -25.01 -11.89
CA ILE A 486 -6.04 -24.98 -10.43
C ILE A 486 -7.53 -25.11 -10.07
N LYS A 487 -8.41 -24.33 -10.72
CA LYS A 487 -9.85 -24.38 -10.46
C LYS A 487 -10.40 -25.80 -10.76
N LYS A 488 -9.91 -26.46 -11.83
CA LYS A 488 -10.31 -27.83 -12.20
C LYS A 488 -9.79 -28.83 -11.18
N ARG A 489 -8.53 -28.66 -10.70
CA ARG A 489 -7.96 -29.54 -9.69
C ARG A 489 -8.73 -29.39 -8.37
N MET A 490 -9.27 -28.18 -8.09
CA MET A 490 -10.08 -27.88 -6.90
C MET A 490 -11.40 -28.65 -6.89
N LYS A 491 -12.12 -28.68 -8.05
CA LYS A 491 -13.40 -29.40 -8.19
C LYS A 491 -13.22 -30.91 -7.98
N GLU A 492 -12.09 -31.48 -8.47
CA GLU A 492 -11.75 -32.89 -8.40
C GLU A 492 -11.01 -33.31 -7.08
N SER A 493 -10.81 -32.37 -6.13
CA SER A 493 -10.10 -32.67 -4.88
C SER A 493 -11.03 -33.00 -3.72
N LYS A 494 -10.68 -34.08 -2.99
CA LYS A 494 -11.39 -34.56 -1.80
C LYS A 494 -10.71 -34.03 -0.53
N ASP A 495 -9.40 -33.72 -0.63
CA ASP A 495 -8.55 -33.18 0.45
C ASP A 495 -8.90 -31.69 0.70
N PRO A 496 -9.47 -31.32 1.88
CA PRO A 496 -9.81 -29.90 2.13
C PRO A 496 -8.59 -29.00 2.35
N VAL A 497 -7.44 -29.59 2.72
CA VAL A 497 -6.15 -28.92 2.95
C VAL A 497 -5.60 -28.44 1.61
N GLU A 498 -5.64 -29.33 0.58
CA GLU A 498 -5.19 -29.05 -0.78
C GLU A 498 -6.07 -27.96 -1.38
N LYS A 499 -7.41 -28.12 -1.23
CA LYS A 499 -8.46 -27.20 -1.71
C LYS A 499 -8.24 -25.78 -1.19
N LYS A 500 -7.94 -25.64 0.13
CA LYS A 500 -7.74 -24.35 0.79
C LYS A 500 -6.52 -23.65 0.20
N LEU A 501 -5.41 -24.39 0.03
CA LEU A 501 -4.16 -23.91 -0.55
C LEU A 501 -4.37 -23.52 -2.01
N LEU A 502 -5.04 -24.39 -2.81
CA LEU A 502 -5.32 -24.15 -4.25
C LEU A 502 -6.26 -22.95 -4.43
N ASP A 503 -7.17 -22.72 -3.46
CA ASP A 503 -8.07 -21.57 -3.46
C ASP A 503 -7.25 -20.28 -3.36
N TYR A 504 -6.23 -20.26 -2.44
CA TYR A 504 -5.33 -19.11 -2.31
C TYR A 504 -4.53 -18.90 -3.59
N ARG A 505 -3.96 -19.99 -4.16
CA ARG A 505 -3.17 -19.91 -5.39
C ARG A 505 -3.92 -19.34 -6.58
N GLN A 506 -5.16 -19.77 -6.81
CA GLN A 506 -5.98 -19.24 -7.91
C GLN A 506 -6.41 -17.79 -7.64
N ARG A 507 -6.59 -17.37 -6.37
CA ARG A 507 -6.93 -15.99 -6.04
C ARG A 507 -5.72 -15.07 -6.30
N ALA A 508 -4.48 -15.58 -6.06
CA ALA A 508 -3.24 -14.84 -6.29
C ALA A 508 -3.07 -14.54 -7.79
N ILE A 509 -3.46 -15.48 -8.65
CA ILE A 509 -3.37 -15.31 -10.12
C ILE A 509 -4.36 -14.25 -10.55
N LYS A 510 -5.61 -14.38 -10.08
CA LYS A 510 -6.68 -13.42 -10.33
C LYS A 510 -6.22 -12.02 -9.94
N ILE A 511 -5.59 -11.86 -8.77
CA ILE A 511 -5.13 -10.55 -8.32
C ILE A 511 -4.04 -10.04 -9.28
N LEU A 512 -3.05 -10.87 -9.60
CA LEU A 512 -1.95 -10.44 -10.48
C LEU A 512 -2.43 -10.15 -11.89
N ALA A 513 -3.24 -11.02 -12.46
CA ALA A 513 -3.74 -10.84 -13.83
C ALA A 513 -4.60 -9.57 -13.96
N ASN A 514 -5.42 -9.27 -12.93
CA ASN A 514 -6.32 -8.11 -12.92
C ASN A 514 -5.59 -6.78 -12.67
N SER A 515 -4.26 -6.84 -12.50
CA SER A 515 -3.41 -5.68 -12.28
C SER A 515 -2.68 -5.23 -13.56
N TYR A 516 -2.73 -6.00 -14.64
CA TYR A 516 -1.99 -5.65 -15.87
C TYR A 516 -2.60 -4.43 -16.55
N TYR A 517 -3.93 -4.37 -16.62
CA TYR A 517 -4.63 -3.21 -17.21
C TYR A 517 -4.12 -1.90 -16.56
N GLY A 518 -4.15 -1.83 -15.23
CA GLY A 518 -3.68 -0.67 -14.49
C GLY A 518 -2.20 -0.42 -14.66
N TYR A 519 -1.41 -1.52 -14.69
CA TYR A 519 0.06 -1.47 -14.85
C TYR A 519 0.45 -0.77 -16.16
N TYR A 520 -0.24 -1.04 -17.28
CA TYR A 520 0.04 -0.36 -18.55
C TYR A 520 0.05 1.20 -18.44
N GLY A 521 -0.85 1.75 -17.62
CA GLY A 521 -0.95 3.19 -17.38
C GLY A 521 -0.18 3.70 -16.17
N TYR A 522 0.54 2.85 -15.47
CA TYR A 522 1.31 3.22 -14.29
C TYR A 522 2.59 3.93 -14.75
N ALA A 523 2.69 5.23 -14.43
CA ALA A 523 3.75 6.15 -14.85
C ALA A 523 5.18 5.68 -14.53
N LYS A 524 5.35 4.89 -13.47
CA LYS A 524 6.67 4.36 -13.12
C LYS A 524 6.98 3.05 -13.85
N ALA A 525 5.99 2.44 -14.53
CA ALA A 525 6.18 1.13 -15.15
C ALA A 525 7.29 1.11 -16.18
N ARG A 526 8.08 0.02 -16.21
CA ARG A 526 9.11 -0.22 -17.22
C ARG A 526 8.40 -0.49 -18.54
N TRP A 527 7.37 -1.36 -18.49
CA TRP A 527 6.58 -1.76 -19.66
C TRP A 527 5.34 -0.89 -19.81
N TYR A 528 5.48 0.40 -19.49
CA TYR A 528 4.44 1.41 -19.61
C TYR A 528 4.01 1.49 -21.07
N CYS A 529 2.69 1.62 -21.30
CA CYS A 529 2.17 1.71 -22.64
C CYS A 529 0.82 2.43 -22.60
N LYS A 530 0.84 3.73 -22.80
CA LYS A 530 -0.35 4.58 -22.84
C LYS A 530 -1.36 4.04 -23.89
N GLU A 531 -0.86 3.74 -25.11
CA GLU A 531 -1.69 3.28 -26.21
C GLU A 531 -2.27 1.90 -25.87
N CYS A 532 -1.51 1.04 -25.15
CA CYS A 532 -1.99 -0.26 -24.66
C CYS A 532 -3.16 -0.06 -23.67
N ALA A 533 -3.00 0.83 -22.67
CA ALA A 533 -4.04 1.11 -21.68
C ALA A 533 -5.32 1.68 -22.36
N GLU A 534 -5.15 2.63 -23.31
CA GLU A 534 -6.26 3.27 -24.04
C GLU A 534 -7.09 2.28 -24.86
N SER A 535 -6.38 1.39 -25.55
CA SER A 535 -6.90 0.35 -26.41
C SER A 535 -7.69 -0.67 -25.61
N VAL A 536 -7.16 -1.13 -24.44
CA VAL A 536 -7.86 -2.06 -23.53
C VAL A 536 -9.18 -1.42 -23.06
N THR A 537 -9.14 -0.12 -22.75
CA THR A 537 -10.31 0.67 -22.34
C THR A 537 -11.32 0.70 -23.47
N ALA A 538 -10.84 0.99 -24.69
CA ALA A 538 -11.72 1.13 -25.85
C ALA A 538 -12.39 -0.21 -26.21
N TRP A 539 -11.63 -1.32 -26.23
CA TRP A 539 -12.23 -2.63 -26.48
C TRP A 539 -13.14 -3.06 -25.30
N GLY A 540 -12.73 -2.71 -24.08
CA GLY A 540 -13.46 -3.01 -22.86
C GLY A 540 -14.86 -2.41 -22.84
N ARG A 541 -14.95 -1.12 -23.25
CA ARG A 541 -16.16 -0.29 -23.36
C ARG A 541 -17.29 -0.97 -24.17
N GLN A 542 -16.95 -1.71 -25.23
CA GLN A 542 -17.93 -2.41 -26.07
C GLN A 542 -18.73 -3.45 -25.25
N TYR A 543 -18.10 -4.06 -24.26
CA TYR A 543 -18.73 -5.03 -23.35
C TYR A 543 -19.46 -4.31 -22.22
N ILE A 544 -18.91 -3.19 -21.74
CA ILE A 544 -19.50 -2.36 -20.70
C ILE A 544 -20.81 -1.76 -21.23
N ASP A 545 -20.77 -1.27 -22.49
CA ASP A 545 -21.94 -0.72 -23.15
C ASP A 545 -22.97 -1.80 -23.34
N LEU A 546 -22.54 -3.04 -23.61
CA LEU A 546 -23.46 -4.19 -23.75
C LEU A 546 -24.14 -4.49 -22.40
N VAL A 547 -23.35 -4.52 -21.30
CA VAL A 547 -23.84 -4.75 -19.92
C VAL A 547 -24.85 -3.66 -19.56
N ARG A 548 -24.49 -2.38 -19.81
CA ARG A 548 -25.39 -1.25 -19.51
C ARG A 548 -26.73 -1.36 -20.29
N ARG A 549 -26.70 -1.58 -21.63
CA ARG A 549 -27.95 -1.69 -22.42
C ARG A 549 -28.84 -2.86 -21.91
N GLU A 550 -28.23 -4.01 -21.60
CA GLU A 550 -28.90 -5.20 -21.10
C GLU A 550 -29.50 -4.95 -19.71
N LEU A 551 -28.82 -4.15 -18.87
CA LEU A 551 -29.35 -3.77 -17.55
C LEU A 551 -30.58 -2.89 -17.69
N GLU A 552 -30.51 -1.87 -18.57
CA GLU A 552 -31.61 -0.93 -18.82
C GLU A 552 -32.81 -1.61 -19.47
N SER A 553 -32.57 -2.63 -20.32
CA SER A 553 -33.68 -3.38 -20.93
C SER A 553 -34.45 -4.19 -19.86
N ARG A 554 -33.81 -4.45 -18.71
CA ARG A 554 -34.36 -5.20 -17.58
C ARG A 554 -34.92 -4.29 -16.47
N GLY A 555 -35.07 -3.00 -16.76
CA GLY A 555 -35.60 -2.01 -15.83
C GLY A 555 -34.57 -1.42 -14.86
N PHE A 556 -33.30 -1.79 -15.00
CA PHE A 556 -32.27 -1.23 -14.12
C PHE A 556 -31.86 0.17 -14.57
N LYS A 557 -31.52 1.03 -13.61
CA LYS A 557 -30.98 2.35 -13.85
C LYS A 557 -29.55 2.31 -13.38
N VAL A 558 -28.62 2.77 -14.22
CA VAL A 558 -27.21 2.79 -13.89
C VAL A 558 -26.95 4.12 -13.23
N LEU A 559 -26.55 4.09 -11.98
CA LEU A 559 -26.29 5.27 -11.19
C LEU A 559 -24.87 5.77 -11.32
N TYR A 560 -23.92 4.84 -11.47
CA TYR A 560 -22.49 5.11 -11.48
C TYR A 560 -21.76 4.08 -12.33
N ILE A 561 -20.81 4.53 -13.14
CA ILE A 561 -20.03 3.62 -13.93
C ILE A 561 -18.62 4.21 -14.12
N ASP A 562 -17.63 3.34 -13.94
CA ASP A 562 -16.22 3.62 -14.20
C ASP A 562 -15.58 2.34 -14.84
N THR A 563 -14.28 2.35 -15.14
CA THR A 563 -13.63 1.19 -15.80
C THR A 563 -13.62 -0.07 -14.92
N ASP A 564 -13.73 0.08 -13.59
CA ASP A 564 -13.69 -1.04 -12.66
C ASP A 564 -15.05 -1.70 -12.41
N GLY A 565 -16.14 -0.93 -12.54
CA GLY A 565 -17.47 -1.45 -12.30
C GLY A 565 -18.58 -0.43 -12.37
N LEU A 566 -19.75 -0.83 -11.89
CA LEU A 566 -20.91 0.05 -11.86
C LEU A 566 -21.78 -0.21 -10.62
N TYR A 567 -22.68 0.74 -10.37
CA TYR A 567 -23.71 0.69 -9.35
C TYR A 567 -25.02 0.94 -10.04
N ALA A 568 -26.03 0.13 -9.70
CA ALA A 568 -27.34 0.19 -10.32
C ALA A 568 -28.45 -0.14 -9.35
N THR A 569 -29.69 0.21 -9.70
CA THR A 569 -30.90 -0.10 -8.93
C THR A 569 -32.09 -0.25 -9.88
N ILE A 570 -33.24 -0.74 -9.39
CA ILE A 570 -34.51 -0.76 -10.13
C ILE A 570 -35.32 0.27 -9.37
N PRO A 571 -35.47 1.52 -9.87
CA PRO A 571 -36.13 2.58 -9.07
C PRO A 571 -37.47 2.15 -8.49
N GLY A 572 -37.55 2.22 -7.16
CA GLY A 572 -38.74 1.90 -6.38
C GLY A 572 -39.07 0.43 -6.21
N ALA A 573 -38.19 -0.48 -6.64
CA ALA A 573 -38.45 -1.90 -6.49
C ALA A 573 -38.09 -2.39 -5.09
N LYS A 574 -38.67 -3.54 -4.70
CA LYS A 574 -38.35 -4.23 -3.46
C LYS A 574 -36.92 -4.72 -3.55
N HIS A 575 -36.18 -4.63 -2.45
CA HIS A 575 -34.76 -4.98 -2.38
C HIS A 575 -34.46 -6.45 -2.76
N GLU A 576 -35.29 -7.42 -2.33
CA GLU A 576 -35.02 -8.84 -2.67
C GLU A 576 -35.21 -9.09 -4.16
N GLU A 577 -36.08 -8.30 -4.82
CA GLU A 577 -36.35 -8.34 -6.25
C GLU A 577 -35.12 -7.84 -7.01
N ILE A 578 -34.48 -6.75 -6.52
CA ILE A 578 -33.28 -6.15 -7.12
C ILE A 578 -32.15 -7.17 -7.05
N LYS A 579 -31.89 -7.75 -5.85
CA LYS A 579 -30.85 -8.76 -5.62
C LYS A 579 -31.01 -9.96 -6.55
N GLU A 580 -32.23 -10.55 -6.62
CA GLU A 580 -32.56 -11.71 -7.46
C GLU A 580 -32.35 -11.42 -8.93
N LYS A 581 -32.84 -10.26 -9.41
CA LYS A 581 -32.73 -9.86 -10.81
C LYS A 581 -31.27 -9.62 -11.20
N ALA A 582 -30.48 -9.02 -10.30
CA ALA A 582 -29.06 -8.74 -10.51
C ALA A 582 -28.23 -10.03 -10.58
N LEU A 583 -28.50 -11.01 -9.68
CA LEU A 583 -27.80 -12.28 -9.64
C LEU A 583 -28.09 -13.09 -10.93
N LYS A 584 -29.36 -13.08 -11.38
CA LYS A 584 -29.86 -13.73 -12.60
C LYS A 584 -29.23 -13.07 -13.83
N PHE A 585 -29.03 -11.73 -13.79
CA PHE A 585 -28.41 -10.97 -14.87
C PHE A 585 -26.94 -11.39 -15.04
N VAL A 586 -26.15 -11.47 -13.96
CA VAL A 586 -24.73 -11.84 -13.96
C VAL A 586 -24.55 -13.27 -14.55
N GLU A 587 -25.38 -14.23 -14.10
CA GLU A 587 -25.38 -15.61 -14.60
C GLU A 587 -25.68 -15.62 -16.10
N TYR A 588 -26.65 -14.79 -16.56
CA TYR A 588 -27.06 -14.69 -17.95
C TYR A 588 -25.95 -14.10 -18.84
N ILE A 589 -25.41 -12.92 -18.47
CA ILE A 589 -24.40 -12.24 -19.28
C ILE A 589 -23.12 -13.09 -19.42
N ASN A 590 -22.74 -13.81 -18.36
CA ASN A 590 -21.55 -14.66 -18.38
C ASN A 590 -21.72 -15.87 -19.27
N SER A 591 -22.97 -16.30 -19.49
CA SER A 591 -23.35 -17.39 -20.41
C SER A 591 -23.27 -16.90 -21.85
N LYS A 592 -23.37 -15.58 -22.05
CA LYS A 592 -23.31 -14.93 -23.35
C LYS A 592 -21.86 -14.55 -23.72
N LEU A 593 -21.08 -14.03 -22.74
CA LEU A 593 -19.69 -13.60 -22.92
C LEU A 593 -18.77 -14.75 -23.29
N PRO A 594 -17.91 -14.59 -24.33
CA PRO A 594 -17.00 -15.67 -24.71
C PRO A 594 -15.72 -15.71 -23.86
N GLY A 595 -15.06 -16.85 -23.88
CA GLY A 595 -13.82 -17.07 -23.15
C GLY A 595 -13.93 -16.85 -21.66
N LEU A 596 -12.85 -16.35 -21.07
CA LEU A 596 -12.74 -16.10 -19.63
C LEU A 596 -13.19 -14.67 -19.25
N LEU A 597 -14.08 -14.05 -20.07
CA LEU A 597 -14.67 -12.73 -19.79
C LEU A 597 -15.73 -12.91 -18.73
N GLU A 598 -15.55 -12.28 -17.57
CA GLU A 598 -16.47 -12.51 -16.47
C GLU A 598 -16.87 -11.25 -15.75
N LEU A 599 -18.19 -11.14 -15.52
CA LEU A 599 -18.82 -10.12 -14.72
C LEU A 599 -19.10 -10.71 -13.33
N GLU A 600 -18.91 -9.90 -12.29
CA GLU A 600 -19.12 -10.36 -10.93
C GLU A 600 -20.07 -9.48 -10.18
N TYR A 601 -20.95 -10.11 -9.41
CA TYR A 601 -21.85 -9.44 -8.48
C TYR A 601 -21.00 -9.18 -7.25
N GLU A 602 -20.82 -7.92 -6.92
CA GLU A 602 -19.92 -7.56 -5.83
C GLU A 602 -20.66 -7.47 -4.48
N GLY A 603 -21.81 -6.84 -4.46
CA GLY A 603 -22.57 -6.62 -3.24
C GLY A 603 -23.80 -5.76 -3.40
N PHE A 604 -24.52 -5.57 -2.27
CA PHE A 604 -25.76 -4.82 -2.16
C PHE A 604 -25.68 -3.80 -1.04
N TYR A 605 -26.29 -2.64 -1.26
CA TYR A 605 -26.30 -1.52 -0.32
C TYR A 605 -27.71 -1.01 -0.17
N ALA A 606 -28.11 -0.73 1.08
CA ALA A 606 -29.44 -0.19 1.38
C ALA A 606 -29.62 1.18 0.72
N ARG A 607 -28.56 2.05 0.77
CA ARG A 607 -28.57 3.41 0.18
C ARG A 607 -27.20 3.84 -0.22
N GLY A 608 -27.15 4.85 -1.07
CA GLY A 608 -25.90 5.45 -1.49
C GLY A 608 -26.06 6.67 -2.38
N PHE A 609 -24.96 7.39 -2.57
CA PHE A 609 -24.94 8.58 -3.42
C PHE A 609 -23.56 8.67 -4.03
N PHE A 610 -23.50 9.31 -5.18
CA PHE A 610 -22.30 9.39 -6.00
C PHE A 610 -22.04 10.83 -6.37
N VAL A 611 -20.82 11.28 -6.09
CA VAL A 611 -20.38 12.66 -6.34
C VAL A 611 -19.74 12.70 -7.71
N THR A 612 -18.65 11.96 -7.91
CA THR A 612 -17.93 11.89 -9.19
C THR A 612 -17.13 10.57 -9.21
N LYS A 613 -16.18 10.45 -10.13
CA LYS A 613 -15.30 9.28 -10.29
C LYS A 613 -14.59 8.98 -8.99
N LYS A 614 -14.80 7.77 -8.46
CA LYS A 614 -14.24 7.24 -7.21
C LYS A 614 -14.46 8.17 -6.00
N LYS A 615 -15.62 8.86 -5.99
CA LYS A 615 -16.06 9.76 -4.90
C LYS A 615 -17.51 9.44 -4.69
N TYR A 616 -17.78 8.59 -3.68
CA TYR A 616 -19.14 8.12 -3.39
C TYR A 616 -19.23 7.55 -1.98
N ALA A 617 -20.45 7.37 -1.48
CA ALA A 617 -20.74 6.87 -0.15
C ALA A 617 -21.95 6.00 -0.19
N LEU A 618 -21.89 4.88 0.53
CA LEU A 618 -22.95 3.89 0.58
C LEU A 618 -23.18 3.40 2.00
N ILE A 619 -24.26 2.63 2.19
CA ILE A 619 -24.51 2.02 3.50
C ILE A 619 -25.14 0.66 3.25
N ASP A 620 -24.64 -0.41 3.90
CA ASP A 620 -25.20 -1.73 3.64
C ASP A 620 -26.39 -2.00 4.56
N GLU A 621 -26.98 -3.18 4.43
CA GLU A 621 -28.17 -3.59 5.18
C GLU A 621 -27.90 -3.76 6.69
N GLU A 622 -26.62 -3.92 7.10
CA GLU A 622 -26.21 -4.05 8.50
C GLU A 622 -25.84 -2.68 9.11
N GLY A 623 -26.10 -1.56 8.36
CA GLY A 623 -25.86 -0.15 8.72
C GLY A 623 -24.36 0.28 8.70
N LYS A 624 -23.48 -0.45 8.00
CA LYS A 624 -22.07 -0.05 7.88
C LYS A 624 -21.87 0.94 6.73
N ILE A 625 -21.36 2.15 7.03
CA ILE A 625 -21.08 3.15 5.99
C ILE A 625 -19.79 2.76 5.25
N VAL A 626 -19.85 2.86 3.91
CA VAL A 626 -18.75 2.55 2.98
C VAL A 626 -18.57 3.75 2.02
N THR A 627 -17.41 4.42 2.10
CA THR A 627 -17.11 5.55 1.22
C THR A 627 -15.82 5.33 0.45
N ARG A 628 -15.64 6.14 -0.60
CA ARG A 628 -14.43 6.22 -1.38
C ARG A 628 -14.22 7.71 -1.75
N GLY A 629 -12.99 8.21 -1.57
CA GLY A 629 -12.54 9.56 -1.93
C GLY A 629 -13.25 10.75 -1.32
N LEU A 630 -13.83 10.60 -0.11
CA LEU A 630 -14.58 11.69 0.55
C LEU A 630 -14.19 11.95 2.02
N GLU A 631 -14.02 10.89 2.85
CA GLU A 631 -13.79 11.08 4.29
C GLU A 631 -12.45 11.71 4.60
N ILE A 632 -12.44 12.56 5.62
CA ILE A 632 -11.23 13.30 5.97
C ILE A 632 -10.77 12.99 7.41
N VAL A 633 -10.53 11.72 7.69
CA VAL A 633 -10.02 11.33 9.02
C VAL A 633 -8.46 11.41 8.98
N ARG A 634 -7.93 12.57 9.35
CA ARG A 634 -6.51 12.95 9.41
C ARG A 634 -6.30 14.10 10.41
N ARG A 635 -5.16 14.08 11.12
CA ARG A 635 -4.87 14.99 12.21
C ARG A 635 -4.70 16.47 11.77
N ASP A 636 -4.40 16.74 10.49
CA ASP A 636 -4.21 18.10 10.00
C ASP A 636 -5.54 18.79 9.59
N TRP A 637 -6.69 18.16 9.91
CA TRP A 637 -8.05 18.75 9.80
C TRP A 637 -8.62 18.85 11.21
N SER A 638 -9.29 19.96 11.52
CA SER A 638 -9.87 20.17 12.84
C SER A 638 -11.00 19.18 13.10
N GLU A 639 -11.25 18.87 14.40
CA GLU A 639 -12.33 17.99 14.83
C GLU A 639 -13.71 18.54 14.39
N ILE A 640 -13.91 19.87 14.46
CA ILE A 640 -15.19 20.49 14.04
C ILE A 640 -15.49 20.14 12.56
N ALA A 641 -14.47 20.13 11.67
CA ALA A 641 -14.65 19.78 10.25
C ALA A 641 -14.94 18.28 10.08
N LYS A 642 -14.19 17.41 10.79
CA LYS A 642 -14.38 15.94 10.72
C LYS A 642 -15.69 15.50 11.38
N GLU A 643 -16.06 16.11 12.52
CA GLU A 643 -17.33 15.82 13.22
C GLU A 643 -18.53 16.23 12.34
N THR A 644 -18.49 17.43 11.73
CA THR A 644 -19.57 17.93 10.86
C THR A 644 -19.69 17.02 9.65
N GLN A 645 -18.55 16.59 9.08
CA GLN A 645 -18.58 15.71 7.92
C GLN A 645 -19.25 14.37 8.30
N ALA A 646 -18.86 13.76 9.44
CA ALA A 646 -19.42 12.51 9.91
C ALA A 646 -20.93 12.63 10.11
N LYS A 647 -21.39 13.77 10.70
CA LYS A 647 -22.81 14.06 10.96
C LYS A 647 -23.59 14.18 9.64
N VAL A 648 -23.06 14.89 8.64
CA VAL A 648 -23.65 15.03 7.30
C VAL A 648 -23.83 13.63 6.64
N LEU A 649 -22.77 12.76 6.65
CA LEU A 649 -22.86 11.42 6.06
C LEU A 649 -23.91 10.59 6.80
N GLU A 650 -23.92 10.67 8.13
CA GLU A 650 -24.90 9.97 8.97
C GLU A 650 -26.32 10.47 8.69
N ALA A 651 -26.53 11.80 8.58
CA ALA A 651 -27.89 12.34 8.30
C ALA A 651 -28.38 11.83 6.94
N ILE A 652 -27.49 11.83 5.94
CA ILE A 652 -27.81 11.37 4.60
C ILE A 652 -28.01 9.84 4.54
N LEU A 653 -27.03 9.04 4.98
CA LEU A 653 -27.09 7.58 4.82
C LEU A 653 -27.89 6.85 5.88
N LYS A 654 -27.78 7.26 7.12
CA LYS A 654 -28.52 6.60 8.18
C LYS A 654 -29.93 7.14 8.29
N HIS A 655 -30.15 8.42 7.97
CA HIS A 655 -31.51 8.99 8.11
C HIS A 655 -32.20 9.27 6.76
N GLY A 656 -31.47 9.08 5.65
CA GLY A 656 -31.96 9.35 4.30
C GLY A 656 -32.41 10.79 4.12
N ASN A 657 -31.82 11.72 4.94
CA ASN A 657 -32.24 13.11 5.07
C ASN A 657 -31.17 14.18 4.73
N VAL A 658 -31.10 14.63 3.46
CA VAL A 658 -30.12 15.65 3.01
C VAL A 658 -30.48 17.02 3.61
N ASP A 659 -31.77 17.25 3.86
CA ASP A 659 -32.25 18.47 4.48
C ASP A 659 -31.70 18.60 5.90
N GLU A 660 -31.61 17.47 6.64
CA GLU A 660 -31.03 17.47 7.99
C GLU A 660 -29.53 17.78 7.90
N ALA A 661 -28.83 17.23 6.87
CA ALA A 661 -27.38 17.42 6.64
C ALA A 661 -27.07 18.92 6.41
N VAL A 662 -27.85 19.60 5.55
CA VAL A 662 -27.72 21.03 5.23
C VAL A 662 -27.98 21.89 6.51
N LYS A 663 -28.97 21.51 7.32
CA LYS A 663 -29.25 22.21 8.59
C LYS A 663 -28.09 22.02 9.59
N ILE A 664 -27.40 20.87 9.57
CA ILE A 664 -26.25 20.61 10.45
C ILE A 664 -25.11 21.59 10.09
N VAL A 665 -24.86 21.78 8.80
CA VAL A 665 -23.78 22.65 8.33
C VAL A 665 -24.09 24.09 8.67
N LYS A 666 -25.33 24.53 8.38
CA LYS A 666 -25.81 25.88 8.69
C LYS A 666 -25.69 26.19 10.20
N GLU A 667 -26.08 25.24 11.08
CA GLU A 667 -26.00 25.43 12.54
C GLU A 667 -24.54 25.52 12.99
N VAL A 668 -23.65 24.64 12.46
CA VAL A 668 -22.23 24.64 12.86
C VAL A 668 -21.56 25.99 12.51
N THR A 669 -21.77 26.47 11.27
CA THR A 669 -21.22 27.73 10.76
C THR A 669 -21.69 28.91 11.63
N GLU A 670 -22.99 28.95 12.00
CA GLU A 670 -23.50 30.03 12.87
C GLU A 670 -22.83 29.97 14.26
N LYS A 671 -22.73 28.75 14.85
CA LYS A 671 -22.08 28.55 16.14
C LYS A 671 -20.62 29.00 16.10
N LEU A 672 -19.92 28.74 14.97
CA LEU A 672 -18.53 29.17 14.77
C LEU A 672 -18.42 30.71 14.76
N SER A 673 -19.39 31.39 14.09
CA SER A 673 -19.44 32.86 13.96
C SER A 673 -19.71 33.56 15.29
N LYS A 674 -20.49 32.93 16.18
CA LYS A 674 -20.90 33.45 17.47
C LYS A 674 -19.97 32.96 18.61
N TYR A 675 -18.81 32.33 18.24
CA TYR A 675 -17.77 31.83 19.16
C TYR A 675 -18.37 30.87 20.22
N GLU A 676 -19.23 29.97 19.74
CA GLU A 676 -19.95 28.99 20.57
C GLU A 676 -19.29 27.59 20.49
N ILE A 677 -18.25 27.44 19.67
CA ILE A 677 -17.56 26.17 19.50
C ILE A 677 -16.36 26.08 20.47
N PRO A 678 -16.26 24.97 21.23
CA PRO A 678 -15.09 24.76 22.11
C PRO A 678 -13.76 24.84 21.35
N PRO A 679 -12.75 25.57 21.88
CA PRO A 679 -11.45 25.67 21.18
C PRO A 679 -10.74 24.35 20.90
N GLU A 680 -11.00 23.30 21.70
CA GLU A 680 -10.37 21.96 21.55
C GLU A 680 -10.77 21.29 20.21
N LYS A 681 -11.92 21.66 19.65
CA LYS A 681 -12.41 21.12 18.38
C LYS A 681 -11.81 21.90 17.19
N LEU A 682 -10.96 22.91 17.47
CA LEU A 682 -10.34 23.76 16.46
C LEU A 682 -8.83 23.54 16.26
N VAL A 683 -8.25 22.68 17.09
CA VAL A 683 -6.82 22.38 17.03
C VAL A 683 -6.51 21.61 15.79
N ILE A 684 -5.46 22.07 15.09
CA ILE A 684 -4.89 21.46 13.89
C ILE A 684 -3.53 20.89 14.30
N TYR A 685 -3.22 19.65 13.90
CA TYR A 685 -1.94 18.99 14.19
C TYR A 685 -1.16 18.75 12.91
N GLU A 686 0.12 19.19 12.87
CA GLU A 686 1.03 18.94 11.75
C GLU A 686 2.44 18.61 12.27
N GLN A 687 3.04 17.59 11.69
CA GLN A 687 4.36 17.17 12.10
C GLN A 687 5.46 18.04 11.51
N ILE A 688 6.55 18.22 12.29
CA ILE A 688 7.83 18.78 11.85
C ILE A 688 8.59 17.58 11.23
N THR A 689 8.99 17.67 9.95
CA THR A 689 9.63 16.54 9.26
C THR A 689 11.13 16.74 8.96
N ARG A 690 11.71 17.89 9.33
CA ARG A 690 13.13 18.21 9.07
C ARG A 690 13.61 19.31 10.02
N PRO A 691 14.92 19.64 10.09
CA PRO A 691 15.33 20.77 10.93
C PRO A 691 14.62 22.02 10.46
N LEU A 692 14.24 22.89 11.41
CA LEU A 692 13.49 24.11 11.14
C LEU A 692 14.14 25.02 10.10
N SER A 693 15.48 25.07 10.06
CA SER A 693 16.22 25.90 9.12
C SER A 693 16.12 25.39 7.66
N GLU A 694 15.68 24.13 7.44
CA GLU A 694 15.59 23.53 6.10
C GLU A 694 14.28 23.88 5.35
N TYR A 695 13.28 24.45 6.03
CA TYR A 695 12.01 24.81 5.42
C TYR A 695 12.17 25.98 4.44
N LYS A 696 11.59 25.83 3.24
CA LYS A 696 11.57 26.81 2.15
C LYS A 696 10.28 27.61 2.22
N ALA A 697 9.19 26.95 2.65
CA ALA A 697 7.86 27.56 2.80
C ALA A 697 7.43 27.37 4.25
N ILE A 698 7.12 28.48 4.93
CA ILE A 698 6.80 28.44 6.35
C ILE A 698 5.29 28.42 6.57
N GLY A 699 4.78 27.22 6.80
CA GLY A 699 3.38 27.00 7.10
C GLY A 699 3.08 27.34 8.55
N PRO A 700 1.78 27.49 8.93
CA PRO A 700 1.45 27.84 10.33
C PRO A 700 2.14 27.00 11.42
N HIS A 701 2.31 25.66 11.21
CA HIS A 701 2.97 24.77 12.22
C HIS A 701 4.46 25.05 12.35
N VAL A 702 5.10 25.55 11.28
CA VAL A 702 6.52 25.90 11.30
C VAL A 702 6.69 27.25 11.99
N ALA A 703 5.79 28.19 11.71
CA ALA A 703 5.78 29.49 12.37
C ALA A 703 5.66 29.27 13.88
N VAL A 704 4.75 28.38 14.30
CA VAL A 704 4.51 28.02 15.71
C VAL A 704 5.77 27.34 16.26
N ALA A 705 6.35 26.39 15.50
CA ALA A 705 7.55 25.64 15.89
C ALA A 705 8.75 26.56 16.16
N LYS A 706 8.97 27.55 15.27
CA LYS A 706 10.09 28.48 15.39
C LYS A 706 9.97 29.32 16.68
N ARG A 707 8.74 29.68 17.09
CA ARG A 707 8.51 30.42 18.34
C ARG A 707 8.80 29.52 19.52
N LEU A 708 8.41 28.23 19.45
CA LEU A 708 8.68 27.25 20.51
C LEU A 708 10.18 27.06 20.66
N ALA A 709 10.93 26.84 19.54
CA ALA A 709 12.40 26.70 19.60
C ALA A 709 13.05 27.97 20.16
N ALA A 710 12.50 29.17 19.82
CA ALA A 710 12.99 30.47 20.31
C ALA A 710 12.88 30.58 21.83
N LYS A 711 11.86 29.91 22.42
CA LYS A 711 11.58 29.85 23.87
C LYS A 711 12.45 28.76 24.57
N GLY A 712 13.21 28.01 23.78
CA GLY A 712 14.08 26.94 24.29
C GLY A 712 13.55 25.54 24.12
N VAL A 713 12.42 25.35 23.42
CA VAL A 713 11.87 24.00 23.22
C VAL A 713 12.75 23.24 22.18
N LYS A 714 13.18 22.00 22.50
CA LYS A 714 13.99 21.21 21.55
C LYS A 714 13.06 20.68 20.48
N VAL A 715 12.90 21.44 19.39
CA VAL A 715 12.05 21.05 18.27
C VAL A 715 12.87 20.11 17.38
N LYS A 716 12.31 18.94 17.07
CA LYS A 716 12.99 17.90 16.31
C LYS A 716 12.06 17.29 15.27
N PRO A 717 12.58 16.74 14.14
CA PRO A 717 11.68 16.04 13.18
C PRO A 717 10.91 14.93 13.91
N GLY A 718 9.64 14.79 13.62
CA GLY A 718 8.79 13.81 14.28
C GLY A 718 7.86 14.45 15.29
N MET A 719 8.24 15.61 15.86
CA MET A 719 7.38 16.33 16.81
C MET A 719 6.14 16.85 16.06
N VAL A 720 4.95 16.60 16.62
CA VAL A 720 3.66 17.02 16.07
C VAL A 720 3.23 18.32 16.78
N ILE A 721 3.02 19.39 16.00
CA ILE A 721 2.62 20.72 16.46
C ILE A 721 1.10 20.90 16.39
N GLY A 722 0.51 21.27 17.52
CA GLY A 722 -0.91 21.58 17.66
C GLY A 722 -1.09 23.08 17.70
N TYR A 723 -1.99 23.62 16.88
CA TYR A 723 -2.21 25.06 16.83
C TYR A 723 -3.64 25.41 16.49
N ILE A 724 -4.00 26.67 16.71
CA ILE A 724 -5.30 27.27 16.42
C ILE A 724 -5.04 28.52 15.57
N VAL A 725 -5.91 28.74 14.59
CA VAL A 725 -5.83 29.91 13.73
C VAL A 725 -6.64 31.04 14.40
N LEU A 726 -5.98 32.18 14.65
CA LEU A 726 -6.64 33.31 15.27
C LEU A 726 -7.08 34.33 14.24
N ARG A 727 -8.02 35.21 14.65
CA ARG A 727 -8.57 36.28 13.82
C ARG A 727 -7.48 37.32 13.53
N GLY A 728 -7.47 37.85 12.31
CA GLY A 728 -6.51 38.88 11.91
C GLY A 728 -6.28 39.02 10.42
N ASP A 729 -5.30 39.87 10.05
CA ASP A 729 -4.95 40.12 8.66
C ASP A 729 -3.85 39.20 8.12
N GLY A 730 -3.96 38.89 6.82
CA GLY A 730 -2.98 38.13 6.05
C GLY A 730 -2.99 36.61 6.12
N PRO A 731 -1.85 35.99 5.72
CA PRO A 731 -1.77 34.51 5.73
C PRO A 731 -1.89 33.92 7.14
N ILE A 732 -2.47 32.73 7.21
CA ILE A 732 -2.76 32.02 8.45
C ILE A 732 -1.48 31.70 9.23
N SER A 733 -0.30 31.72 8.56
CA SER A 733 1.02 31.46 9.19
C SER A 733 1.33 32.45 10.30
N LYS A 734 0.94 33.71 10.10
CA LYS A 734 1.21 34.80 11.03
C LYS A 734 0.13 34.93 12.10
N ARG A 735 -0.88 34.04 12.10
CA ARG A 735 -1.98 34.15 13.06
C ARG A 735 -2.23 32.84 13.79
N ALA A 736 -1.40 31.84 13.57
CA ALA A 736 -1.52 30.56 14.26
C ALA A 736 -0.88 30.68 15.62
N ILE A 737 -1.50 30.08 16.64
CA ILE A 737 -0.98 30.07 18.00
C ILE A 737 -0.85 28.61 18.45
N ALA A 738 0.22 28.29 19.24
CA ALA A 738 0.40 26.97 19.86
C ALA A 738 -0.78 26.69 20.79
N ILE A 739 -1.35 25.46 20.72
CA ILE A 739 -2.51 25.07 21.53
C ILE A 739 -2.27 25.33 23.04
N GLU A 740 -1.04 25.11 23.53
CA GLU A 740 -0.71 25.37 24.95
C GLU A 740 -0.76 26.86 25.32
N GLU A 741 -0.49 27.77 24.33
CA GLU A 741 -0.50 29.24 24.51
C GLU A 741 -1.90 29.88 24.34
N PHE A 742 -2.89 29.11 23.87
CA PHE A 742 -4.24 29.62 23.65
C PHE A 742 -4.92 29.95 24.99
N ASP A 743 -5.45 31.17 25.09
CA ASP A 743 -6.16 31.69 26.26
C ASP A 743 -7.56 32.13 25.78
N PRO A 744 -8.61 31.31 26.05
CA PRO A 744 -9.98 31.65 25.57
C PRO A 744 -10.49 33.03 25.98
N LYS A 745 -9.98 33.55 27.11
CA LYS A 745 -10.34 34.87 27.63
C LYS A 745 -9.72 36.01 26.81
N LYS A 746 -8.54 35.77 26.20
CA LYS A 746 -7.79 36.78 25.45
C LYS A 746 -7.81 36.56 23.93
N HIS A 747 -7.55 35.32 23.47
CA HIS A 747 -7.44 35.01 22.05
C HIS A 747 -8.77 34.66 21.44
N LYS A 748 -9.01 35.21 20.22
CA LYS A 748 -10.21 35.00 19.42
C LYS A 748 -9.86 34.22 18.15
N TYR A 749 -10.38 33.00 18.02
CA TYR A 749 -10.13 32.14 16.85
C TYR A 749 -10.77 32.74 15.58
N ASP A 750 -10.24 32.37 14.41
CA ASP A 750 -10.74 32.87 13.13
C ASP A 750 -11.95 32.05 12.66
N ALA A 751 -13.17 32.56 12.95
CA ALA A 751 -14.44 31.93 12.54
C ALA A 751 -14.52 31.75 11.02
N GLU A 752 -14.07 32.75 10.21
CA GLU A 752 -14.12 32.71 8.74
C GLU A 752 -13.23 31.59 8.21
N TYR A 753 -12.05 31.42 8.82
CA TYR A 753 -11.14 30.35 8.44
C TYR A 753 -11.77 28.98 8.74
N TYR A 754 -12.25 28.77 9.98
CA TYR A 754 -12.85 27.47 10.35
C TYR A 754 -14.12 27.19 9.54
N ILE A 755 -14.82 28.25 9.06
CA ILE A 755 -16.01 28.03 8.22
C ILE A 755 -15.57 27.70 6.80
N GLU A 756 -14.82 28.62 6.14
CA GLU A 756 -14.45 28.54 4.71
C GLU A 756 -13.34 27.56 4.38
N ASN A 757 -12.40 27.37 5.27
CA ASN A 757 -11.28 26.49 4.97
C ASN A 757 -11.35 25.17 5.70
N GLN A 758 -12.27 25.00 6.65
CA GLN A 758 -12.34 23.72 7.37
C GLN A 758 -13.69 23.01 7.15
N VAL A 759 -14.77 23.52 7.75
CA VAL A 759 -16.10 22.93 7.71
C VAL A 759 -16.67 22.86 6.29
N LEU A 760 -16.70 23.98 5.54
CA LEU A 760 -17.30 23.99 4.19
C LEU A 760 -16.52 23.08 3.20
N PRO A 761 -15.17 23.08 3.06
CA PRO A 761 -14.55 22.08 2.15
C PRO A 761 -14.83 20.62 2.56
N ALA A 762 -14.98 20.35 3.85
CA ALA A 762 -15.24 18.98 4.32
C ALA A 762 -16.60 18.45 3.84
N VAL A 763 -17.60 19.32 3.70
CA VAL A 763 -18.95 18.87 3.32
C VAL A 763 -19.36 19.25 1.90
N GLU A 764 -18.72 20.28 1.28
CA GLU A 764 -19.19 20.81 -0.01
C GLU A 764 -19.19 19.76 -1.17
N ARG A 765 -18.22 18.84 -1.23
CA ARG A 765 -18.19 17.81 -2.27
C ARG A 765 -19.40 16.89 -2.12
N ILE A 766 -19.65 16.42 -0.88
CA ILE A 766 -20.77 15.55 -0.54
C ILE A 766 -22.09 16.20 -0.98
N LEU A 767 -22.34 17.45 -0.59
CA LEU A 767 -23.63 18.10 -0.82
C LEU A 767 -23.82 18.61 -2.27
N ARG A 768 -22.75 18.62 -3.08
CA ARG A 768 -22.78 18.97 -4.51
C ARG A 768 -23.54 17.88 -5.27
N ALA A 769 -23.53 16.63 -4.74
CA ALA A 769 -24.26 15.47 -5.30
C ALA A 769 -25.77 15.65 -5.18
N PHE A 770 -26.20 16.60 -4.32
CA PHE A 770 -27.60 16.89 -4.06
C PHE A 770 -28.01 18.27 -4.60
N GLY A 771 -27.16 18.86 -5.42
CA GLY A 771 -27.39 20.16 -6.06
C GLY A 771 -27.10 21.38 -5.23
N TYR A 772 -26.33 21.24 -4.14
CA TYR A 772 -26.02 22.38 -3.29
C TYR A 772 -24.64 22.97 -3.60
N ARG A 773 -24.55 24.30 -3.64
CA ARG A 773 -23.27 25.00 -3.79
C ARG A 773 -22.85 25.50 -2.38
N LYS A 774 -21.55 25.75 -2.18
CA LYS A 774 -20.92 26.20 -0.94
C LYS A 774 -21.66 27.38 -0.26
N GLU A 775 -22.27 28.29 -1.06
CA GLU A 775 -22.97 29.48 -0.56
C GLU A 775 -24.39 29.19 -0.03
N ASP A 776 -24.94 27.99 -0.26
CA ASP A 776 -26.28 27.66 0.25
C ASP A 776 -26.22 26.92 1.58
N LEU A 777 -25.03 26.78 2.18
CA LEU A 777 -24.84 26.01 3.41
C LEU A 777 -24.63 26.92 4.64
N LYS A 778 -25.18 28.15 4.56
CA LYS A 778 -25.11 29.17 5.61
C LYS A 778 -26.45 29.87 5.72
N TYR A 779 -26.76 30.49 6.90
CA TYR A 779 -28.02 31.22 7.12
C TYR A 779 -28.04 32.54 6.33
#